data_3UN7
#
_entry.id   3UN7
#
_cell.length_a   121.300
_cell.length_b   121.300
_cell.length_c   95.900
_cell.angle_alpha   90.00
_cell.angle_beta   90.00
_cell.angle_gamma   120.00
#
_symmetry.space_group_name_H-M   'P 61'
#
loop_
_entity.id
_entity.type
_entity.pdbx_description
1 polymer 'Penicillin-binding protein A'
2 water water
#
_entity_poly.entity_id   1
_entity_poly.type   'polypeptide(L)'
_entity_poly.pdbx_seq_one_letter_code
;GAMGSRADPRNQRVLLDEYSRQRGQITAGGQLLAYSVATDGRFRFLRVYPNPEVYAPVTGFYSLRYSSTALERAEDPILN
GSDRRLFGRRLADFFTGRDPRGGNVDTTINPRIQQAGWDAMQQGCYGPCKGAVVALEPSTGKILALVSSPSYDPNLLASH
NPEVQAQAWQRLGDNPASPLTNRAISETYPPGSTFKVITTAAALAAGATETEQLTAAPTIPLPGSTAQLENYGGAPCGDE
PTVSLREAFVKSCNTAFVQLGIRTGADALRSMARAFGLDSPPRPTPLQVAESTVGPIPDSAALGMTSIGQKDVALTPLAN
AEIAATIANGGITMRPYLVGSLKGPDLANISTTVRYQQRRAVSPQVAAKLTELMVGAEKVAQQKGAIPGVQIASKTGTAE
HGTDPRHTPPHAWYIAFAPAQAPKVAVAVLVENGADRLSATGGALAAPIGRAVIEAALQGEP
;
_entity_poly.pdbx_strand_id   A,B
#
# COMPACT_ATOMS: atom_id res chain seq x y z
N TYR A 19 -45.97 -1.36 -16.25
CA TYR A 19 -45.77 -1.83 -14.86
C TYR A 19 -46.94 -2.75 -14.48
N SER A 20 -47.88 -2.86 -15.41
CA SER A 20 -49.02 -3.77 -15.36
C SER A 20 -48.66 -5.21 -15.74
N ARG A 21 -47.57 -5.35 -16.51
CA ARG A 21 -47.13 -6.62 -17.07
C ARG A 21 -45.74 -7.01 -16.55
N GLN A 22 -45.46 -8.31 -16.53
CA GLN A 22 -44.22 -8.82 -15.94
C GLN A 22 -43.00 -8.58 -16.83
N ARG A 23 -42.18 -7.63 -16.43
CA ARG A 23 -40.93 -7.30 -17.12
C ARG A 23 -39.99 -8.50 -17.01
N GLY A 24 -39.20 -8.72 -18.05
CA GLY A 24 -38.31 -9.87 -18.08
C GLY A 24 -37.06 -9.66 -17.26
N GLN A 25 -36.20 -10.68 -17.27
CA GLN A 25 -35.03 -10.74 -16.38
C GLN A 25 -33.74 -10.35 -17.08
N ILE A 26 -32.81 -9.79 -16.32
CA ILE A 26 -31.42 -9.62 -16.78
C ILE A 26 -30.60 -10.66 -16.03
N THR A 27 -29.85 -11.49 -16.74
CA THR A 27 -29.18 -12.60 -16.07
C THR A 27 -27.67 -12.59 -16.31
N ALA A 28 -26.94 -13.29 -15.44
CA ALA A 28 -25.49 -13.54 -15.60
C ALA A 28 -25.16 -14.89 -14.99
N GLY A 29 -24.45 -15.72 -15.75
CA GLY A 29 -24.08 -17.07 -15.30
C GLY A 29 -25.26 -17.87 -14.75
N GLY A 30 -26.47 -17.66 -15.28
CA GLY A 30 -27.68 -18.33 -14.77
C GLY A 30 -28.27 -17.73 -13.51
N GLN A 31 -27.75 -16.57 -13.10
CA GLN A 31 -28.22 -15.91 -11.89
C GLN A 31 -28.94 -14.62 -12.25
N LEU A 32 -29.94 -14.27 -11.45
CA LEU A 32 -30.72 -13.09 -11.73
C LEU A 32 -30.01 -11.84 -11.26
N LEU A 33 -29.92 -10.86 -12.14
CA LEU A 33 -29.38 -9.56 -11.78
C LEU A 33 -30.51 -8.58 -11.57
N ALA A 34 -31.59 -8.73 -12.35
CA ALA A 34 -32.75 -7.87 -12.24
C ALA A 34 -34.00 -8.68 -12.60
N TYR A 35 -35.06 -8.51 -11.81
CA TYR A 35 -36.32 -9.24 -12.03
C TYR A 35 -37.51 -8.44 -11.46
N SER A 36 -38.73 -8.83 -11.82
CA SER A 36 -39.89 -8.11 -11.39
C SER A 36 -40.78 -9.07 -10.61
N VAL A 37 -41.36 -8.56 -9.53
CA VAL A 37 -42.25 -9.37 -8.69
C VAL A 37 -43.64 -8.78 -8.68
N ALA A 38 -44.66 -9.62 -8.81
CA ALA A 38 -46.05 -9.21 -8.71
C ALA A 38 -46.34 -8.72 -7.29
N THR A 39 -46.87 -7.50 -7.17
CA THR A 39 -47.17 -6.94 -5.85
C THR A 39 -48.57 -6.36 -5.80
N ASP A 40 -48.90 -5.76 -4.67
CA ASP A 40 -50.17 -5.06 -4.51
C ASP A 40 -50.08 -3.58 -4.92
N GLY A 41 -48.97 -3.17 -5.51
CA GLY A 41 -48.83 -1.79 -5.98
C GLY A 41 -49.90 -1.47 -7.02
N ARG A 42 -50.35 -0.22 -7.07
CA ARG A 42 -51.15 0.30 -8.21
C ARG A 42 -50.44 -0.08 -9.52
N PHE A 43 -49.15 0.22 -9.58
CA PHE A 43 -48.25 -0.37 -10.55
C PHE A 43 -47.86 -1.72 -9.97
N ARG A 44 -48.33 -2.79 -10.60
CA ARG A 44 -48.31 -4.10 -9.99
C ARG A 44 -46.90 -4.68 -9.80
N PHE A 45 -46.07 -4.53 -10.82
CA PHE A 45 -44.78 -5.20 -10.83
C PHE A 45 -43.67 -4.35 -10.21
N LEU A 46 -43.06 -4.88 -9.16
CA LEU A 46 -41.94 -4.16 -8.55
C LEU A 46 -40.60 -4.74 -9.04
N ARG A 47 -39.70 -3.85 -9.47
CA ARG A 47 -38.39 -4.27 -9.97
C ARG A 47 -37.48 -4.51 -8.79
N VAL A 48 -36.76 -5.64 -8.83
CA VAL A 48 -35.88 -6.04 -7.72
C VAL A 48 -34.46 -6.32 -8.23
N TYR A 49 -33.47 -5.84 -7.50
CA TYR A 49 -32.05 -5.99 -7.85
C TYR A 49 -31.42 -6.70 -6.66
N PRO A 50 -31.25 -8.02 -6.75
CA PRO A 50 -30.81 -8.80 -5.56
C PRO A 50 -29.35 -8.65 -5.14
N ASN A 51 -28.47 -8.17 -6.01
CA ASN A 51 -27.10 -7.83 -5.60
C ASN A 51 -26.80 -6.43 -6.15
N PRO A 52 -27.48 -5.42 -5.58
CA PRO A 52 -27.74 -4.18 -6.33
C PRO A 52 -26.50 -3.32 -6.64
N GLU A 53 -25.66 -3.03 -5.63
CA GLU A 53 -24.51 -2.15 -5.85
C GLU A 53 -23.50 -2.79 -6.81
N VAL A 54 -23.28 -4.09 -6.62
CA VAL A 54 -22.33 -4.84 -7.43
C VAL A 54 -22.65 -4.76 -8.92
N TYR A 55 -23.92 -5.01 -9.28
CA TYR A 55 -24.31 -5.05 -10.72
C TYR A 55 -24.97 -3.78 -11.26
N ALA A 56 -25.07 -2.72 -10.45
CA ALA A 56 -25.63 -1.45 -10.93
C ALA A 56 -25.04 -0.96 -12.27
N PRO A 57 -23.71 -1.04 -12.47
CA PRO A 57 -23.14 -0.62 -13.75
C PRO A 57 -23.64 -1.46 -14.94
N VAL A 58 -24.12 -2.67 -14.65
CA VAL A 58 -24.64 -3.56 -15.68
C VAL A 58 -26.16 -3.37 -15.80
N THR A 59 -26.89 -3.51 -14.70
CA THR A 59 -28.36 -3.45 -14.78
C THR A 59 -28.85 -2.01 -15.04
N GLY A 60 -28.22 -1.04 -14.39
CA GLY A 60 -28.79 0.28 -14.22
C GLY A 60 -30.07 0.18 -13.39
N PHE A 61 -30.97 1.14 -13.55
CA PHE A 61 -32.23 1.13 -12.79
C PHE A 61 -33.43 1.24 -13.69
N TYR A 62 -34.58 0.87 -13.16
CA TYR A 62 -35.82 1.05 -13.86
C TYR A 62 -36.77 1.69 -12.86
N SER A 63 -37.13 2.94 -13.14
CA SER A 63 -37.77 3.81 -12.16
C SER A 63 -39.05 4.43 -12.70
N LEU A 64 -40.10 4.44 -11.87
CA LEU A 64 -41.34 5.10 -12.24
C LEU A 64 -41.16 6.58 -12.56
N ARG A 65 -40.37 7.29 -11.77
CA ARG A 65 -40.25 8.71 -12.07
C ARG A 65 -38.98 9.11 -12.81
N TYR A 66 -37.95 8.27 -12.78
CA TYR A 66 -36.69 8.62 -13.42
C TYR A 66 -36.30 7.80 -14.66
N SER A 67 -37.23 6.96 -15.11
CA SER A 67 -37.03 6.15 -16.30
C SER A 67 -36.01 5.04 -16.04
N SER A 68 -35.22 4.70 -17.06
CA SER A 68 -34.33 3.55 -17.00
C SER A 68 -32.92 3.98 -17.37
N THR A 69 -31.93 3.17 -16.98
CA THR A 69 -30.53 3.37 -17.41
C THR A 69 -29.90 2.04 -17.76
N ALA A 70 -28.65 2.08 -18.25
CA ALA A 70 -27.85 0.92 -18.63
C ALA A 70 -28.68 -0.13 -19.41
N LEU A 71 -28.60 -1.41 -19.03
CA LEU A 71 -29.31 -2.46 -19.81
C LEU A 71 -30.83 -2.42 -19.67
N GLU A 72 -31.34 -1.92 -18.54
CA GLU A 72 -32.80 -1.71 -18.44
C GLU A 72 -33.25 -0.80 -19.59
N ARG A 73 -32.44 0.21 -19.89
CA ARG A 73 -32.78 1.15 -20.95
C ARG A 73 -32.50 0.55 -22.33
N ALA A 74 -31.28 0.00 -22.49
CA ALA A 74 -30.82 -0.52 -23.77
C ALA A 74 -31.66 -1.70 -24.25
N GLU A 75 -32.10 -2.53 -23.31
CA GLU A 75 -32.87 -3.72 -23.67
C GLU A 75 -34.33 -3.57 -23.29
N ASP A 76 -34.78 -2.33 -23.11
CA ASP A 76 -36.17 -2.06 -22.76
C ASP A 76 -37.25 -2.80 -23.60
N PRO A 77 -37.15 -2.77 -24.95
CA PRO A 77 -38.19 -3.42 -25.76
C PRO A 77 -38.27 -4.94 -25.54
N ILE A 78 -37.13 -5.58 -25.33
CA ILE A 78 -37.11 -7.01 -25.01
C ILE A 78 -37.68 -7.22 -23.60
N LEU A 79 -37.20 -6.44 -22.64
CA LEU A 79 -37.58 -6.65 -21.25
C LEU A 79 -39.05 -6.35 -21.00
N ASN A 80 -39.57 -5.31 -21.66
CA ASN A 80 -40.99 -4.99 -21.52
C ASN A 80 -41.90 -5.73 -22.52
N GLY A 81 -41.31 -6.50 -23.42
CA GLY A 81 -42.07 -7.35 -24.34
C GLY A 81 -42.65 -6.67 -25.57
N SER A 82 -42.26 -5.41 -25.83
CA SER A 82 -42.77 -4.67 -26.99
C SER A 82 -41.91 -4.85 -28.24
N ASP A 83 -40.75 -5.50 -28.09
CA ASP A 83 -39.92 -5.83 -29.24
C ASP A 83 -40.73 -6.56 -30.32
N ARG A 84 -40.52 -6.16 -31.57
CA ARG A 84 -41.20 -6.74 -32.74
C ARG A 84 -41.03 -8.25 -32.80
N ARG A 85 -39.85 -8.73 -32.42
CA ARG A 85 -39.53 -10.16 -32.44
C ARG A 85 -40.39 -10.96 -31.46
N LEU A 86 -40.96 -10.26 -30.47
CA LEU A 86 -41.74 -10.85 -29.39
C LEU A 86 -43.23 -10.70 -29.57
N PHE A 87 -43.64 -9.77 -30.42
CA PHE A 87 -45.05 -9.40 -30.48
C PHE A 87 -46.02 -10.50 -30.92
N GLY A 88 -45.50 -11.58 -31.49
CA GLY A 88 -46.30 -12.78 -31.72
C GLY A 88 -46.71 -13.45 -30.42
N ARG A 89 -45.80 -13.42 -29.44
CA ARG A 89 -46.04 -14.07 -28.15
C ARG A 89 -47.01 -13.30 -27.25
N ARG A 90 -46.92 -11.97 -27.26
CA ARG A 90 -47.78 -11.13 -26.42
C ARG A 90 -49.20 -11.15 -26.96
N LEU A 91 -49.33 -11.16 -28.29
CA LEU A 91 -50.62 -11.27 -28.96
C LEU A 91 -51.28 -12.61 -28.63
N ALA A 92 -50.50 -13.69 -28.72
CA ALA A 92 -50.96 -15.03 -28.34
C ALA A 92 -51.44 -15.05 -26.88
N ASP A 93 -50.70 -14.38 -26.00
CA ASP A 93 -51.04 -14.26 -24.58
C ASP A 93 -52.37 -13.54 -24.32
N PHE A 94 -52.55 -12.35 -24.91
CA PHE A 94 -53.83 -11.62 -24.82
C PHE A 94 -54.99 -12.53 -25.21
N PHE A 95 -54.90 -13.11 -26.41
CA PHE A 95 -55.95 -13.96 -26.96
C PHE A 95 -56.28 -15.12 -26.01
N THR A 96 -55.24 -15.85 -25.61
CA THR A 96 -55.42 -17.07 -24.82
C THR A 96 -55.88 -16.78 -23.38
N GLY A 97 -55.48 -15.63 -22.84
CA GLY A 97 -55.82 -15.26 -21.48
C GLY A 97 -54.66 -15.38 -20.51
N ARG A 98 -53.58 -16.04 -20.96
CA ARG A 98 -52.37 -16.23 -20.16
C ARG A 98 -51.66 -14.91 -19.90
N ASP A 99 -51.19 -14.75 -18.67
CA ASP A 99 -50.40 -13.60 -18.25
C ASP A 99 -49.17 -13.39 -19.13
N PRO A 100 -48.98 -12.16 -19.66
CA PRO A 100 -47.82 -11.88 -20.52
C PRO A 100 -46.54 -11.76 -19.70
N ARG A 101 -45.40 -11.85 -20.37
CA ARG A 101 -44.09 -11.73 -19.74
C ARG A 101 -43.16 -11.10 -20.79
N GLY A 102 -42.26 -10.24 -20.33
CA GLY A 102 -41.22 -9.71 -21.19
C GLY A 102 -40.19 -10.79 -21.47
N GLY A 103 -39.28 -10.51 -22.40
CA GLY A 103 -38.22 -11.46 -22.70
C GLY A 103 -37.06 -11.28 -21.75
N ASN A 104 -36.03 -12.09 -21.92
CA ASN A 104 -34.87 -12.12 -21.03
C ASN A 104 -33.60 -11.67 -21.73
N VAL A 105 -32.72 -11.03 -20.97
CA VAL A 105 -31.42 -10.60 -21.45
C VAL A 105 -30.36 -11.37 -20.68
N ASP A 106 -29.60 -12.17 -21.41
CA ASP A 106 -28.52 -12.97 -20.86
C ASP A 106 -27.18 -12.27 -21.11
N THR A 107 -26.62 -11.64 -20.08
CA THR A 107 -25.36 -10.92 -20.22
C THR A 107 -24.15 -11.86 -20.28
N THR A 108 -23.01 -11.29 -20.63
CA THR A 108 -21.75 -12.03 -20.70
C THR A 108 -21.03 -12.03 -19.35
N ILE A 109 -21.59 -11.36 -18.35
CA ILE A 109 -20.92 -11.17 -17.06
C ILE A 109 -20.75 -12.51 -16.36
N ASN A 110 -19.56 -12.76 -15.82
CA ASN A 110 -19.33 -13.91 -14.96
C ASN A 110 -19.45 -13.41 -13.52
N PRO A 111 -20.49 -13.84 -12.78
CA PRO A 111 -20.77 -13.36 -11.42
C PRO A 111 -19.57 -13.52 -10.48
N ARG A 112 -18.85 -14.64 -10.58
CA ARG A 112 -17.63 -14.88 -9.79
C ARG A 112 -16.60 -13.79 -10.03
N ILE A 113 -16.44 -13.39 -11.29
CA ILE A 113 -15.46 -12.37 -11.64
C ILE A 113 -15.93 -11.00 -11.16
N GLN A 114 -17.18 -10.64 -11.48
CA GLN A 114 -17.77 -9.37 -11.05
C GLN A 114 -17.66 -9.20 -9.52
N GLN A 115 -18.04 -10.25 -8.78
CA GLN A 115 -18.00 -10.25 -7.31
C GLN A 115 -16.58 -10.10 -6.79
N ALA A 116 -15.61 -10.78 -7.41
CA ALA A 116 -14.21 -10.63 -7.00
C ALA A 116 -13.69 -9.22 -7.24
N GLY A 117 -14.04 -8.62 -8.38
CA GLY A 117 -13.60 -7.25 -8.66
C GLY A 117 -14.20 -6.30 -7.66
N TRP A 118 -15.52 -6.41 -7.46
CA TRP A 118 -16.23 -5.62 -6.47
C TRP A 118 -15.61 -5.78 -5.09
N ASP A 119 -15.48 -7.03 -4.63
CA ASP A 119 -14.95 -7.28 -3.29
C ASP A 119 -13.56 -6.68 -3.14
N ALA A 120 -12.71 -6.89 -4.15
CA ALA A 120 -11.34 -6.37 -4.11
C ALA A 120 -11.31 -4.84 -4.06
N MET A 121 -12.19 -4.20 -4.82
CA MET A 121 -12.31 -2.74 -4.79
C MET A 121 -12.82 -2.24 -3.43
N GLN A 122 -13.72 -3.00 -2.80
CA GLN A 122 -14.25 -2.57 -1.49
C GLN A 122 -13.23 -2.66 -0.34
N GLN A 123 -12.23 -3.52 -0.50
CA GLN A 123 -11.23 -3.78 0.56
C GLN A 123 -9.81 -3.30 0.21
N GLY A 124 -9.63 -2.84 -1.03
CA GLY A 124 -8.29 -2.66 -1.59
C GLY A 124 -7.59 -1.34 -1.31
N CYS A 125 -8.26 -0.41 -0.66
CA CYS A 125 -7.60 0.87 -0.35
C CYS A 125 -7.61 1.14 1.17
N TYR A 126 -7.26 0.13 1.96
CA TYR A 126 -7.40 0.19 3.42
C TYR A 126 -8.78 0.71 3.75
N GLY A 127 -9.77 0.12 3.07
CA GLY A 127 -11.12 0.65 2.97
C GLY A 127 -11.49 0.61 1.50
N PRO A 128 -12.68 1.12 1.14
CA PRO A 128 -13.15 1.01 -0.25
C PRO A 128 -12.40 1.90 -1.21
N CYS A 129 -12.22 1.42 -2.43
CA CYS A 129 -11.56 2.16 -3.50
C CYS A 129 -12.58 2.85 -4.41
N LYS A 130 -12.23 4.04 -4.91
CA LYS A 130 -12.99 4.67 -5.97
C LYS A 130 -12.33 4.29 -7.28
N GLY A 131 -13.12 3.95 -8.29
CA GLY A 131 -12.53 3.58 -9.59
C GLY A 131 -13.35 2.55 -10.33
N ALA A 132 -12.66 1.69 -11.08
CA ALA A 132 -13.33 0.71 -11.92
C ALA A 132 -12.48 -0.53 -12.17
N VAL A 133 -13.17 -1.63 -12.47
CA VAL A 133 -12.52 -2.86 -12.89
C VAL A 133 -13.26 -3.40 -14.12
N VAL A 134 -12.51 -3.80 -15.13
CA VAL A 134 -13.09 -4.39 -16.33
C VAL A 134 -12.34 -5.67 -16.59
N ALA A 135 -13.09 -6.71 -16.95
CA ALA A 135 -12.52 -7.97 -17.38
C ALA A 135 -13.14 -8.34 -18.73
N LEU A 136 -12.27 -8.74 -19.64
CA LEU A 136 -12.66 -9.08 -21.00
C LEU A 136 -12.12 -10.45 -21.33
N GLU A 137 -12.82 -11.15 -22.20
CA GLU A 137 -12.30 -12.40 -22.75
C GLU A 137 -11.66 -12.06 -24.08
N PRO A 138 -10.32 -12.18 -24.19
CA PRO A 138 -9.65 -11.61 -25.35
C PRO A 138 -10.02 -12.22 -26.70
N SER A 139 -10.33 -13.52 -26.74
CA SER A 139 -10.62 -14.22 -27.99
C SER A 139 -12.03 -13.96 -28.52
N THR A 140 -12.91 -13.42 -27.68
CA THR A 140 -14.29 -13.23 -28.07
C THR A 140 -14.78 -11.80 -27.94
N GLY A 141 -14.19 -11.02 -27.02
CA GLY A 141 -14.75 -9.71 -26.67
C GLY A 141 -15.85 -9.69 -25.61
N LYS A 142 -16.18 -10.86 -25.05
CA LYS A 142 -17.12 -10.91 -23.95
C LYS A 142 -16.68 -10.04 -22.80
N ILE A 143 -17.60 -9.22 -22.27
CA ILE A 143 -17.31 -8.39 -21.09
C ILE A 143 -17.69 -9.26 -19.89
N LEU A 144 -16.67 -9.67 -19.14
CA LEU A 144 -16.85 -10.64 -18.06
C LEU A 144 -17.06 -9.96 -16.70
N ALA A 145 -16.63 -8.71 -16.61
CA ALA A 145 -16.91 -7.91 -15.45
C ALA A 145 -16.86 -6.46 -15.84
N LEU A 146 -17.75 -5.70 -15.22
CA LEU A 146 -17.84 -4.26 -15.41
C LEU A 146 -18.18 -3.71 -14.04
N VAL A 147 -17.14 -3.32 -13.31
CA VAL A 147 -17.26 -2.89 -11.91
C VAL A 147 -16.97 -1.40 -11.78
N SER A 148 -17.82 -0.70 -11.04
CA SER A 148 -17.58 0.72 -10.75
C SER A 148 -17.75 0.94 -9.25
N SER A 149 -16.96 1.82 -8.66
CA SER A 149 -16.98 2.03 -7.22
C SER A 149 -16.70 3.53 -6.93
N PRO A 150 -17.48 4.15 -6.04
CA PRO A 150 -18.60 3.62 -5.28
C PRO A 150 -19.76 3.32 -6.24
N SER A 151 -20.74 2.53 -5.80
CA SER A 151 -21.91 2.27 -6.61
C SER A 151 -23.14 2.69 -5.80
N TYR A 152 -24.33 2.32 -6.25
CA TYR A 152 -25.57 2.74 -5.61
C TYR A 152 -26.54 1.58 -5.67
N ASP A 153 -27.66 1.71 -4.97
CA ASP A 153 -28.66 0.65 -4.92
C ASP A 153 -29.85 0.98 -5.84
N PRO A 154 -29.92 0.33 -7.02
CA PRO A 154 -31.06 0.59 -7.92
C PRO A 154 -32.42 0.29 -7.31
N ASN A 155 -32.48 -0.47 -6.21
CA ASN A 155 -33.76 -0.73 -5.52
C ASN A 155 -34.40 0.55 -5.04
N LEU A 156 -33.57 1.54 -4.71
CA LEU A 156 -34.04 2.86 -4.30
C LEU A 156 -34.87 3.57 -5.36
N LEU A 157 -34.39 3.52 -6.59
CA LEU A 157 -35.05 4.17 -7.73
C LEU A 157 -36.21 3.33 -8.28
N ALA A 158 -36.23 2.05 -7.93
CA ALA A 158 -37.32 1.15 -8.28
C ALA A 158 -38.48 1.21 -7.26
N SER A 159 -38.32 2.02 -6.21
CA SER A 159 -39.40 2.20 -5.25
C SER A 159 -40.64 2.78 -5.92
N HIS A 160 -41.81 2.36 -5.47
CA HIS A 160 -43.03 2.93 -6.03
C HIS A 160 -43.45 4.18 -5.28
N ASN A 161 -42.74 4.50 -4.21
CA ASN A 161 -42.98 5.74 -3.47
C ASN A 161 -42.25 6.91 -4.15
N PRO A 162 -43.00 7.93 -4.60
CA PRO A 162 -42.39 9.08 -5.26
C PRO A 162 -41.32 9.78 -4.43
N GLU A 163 -41.56 9.91 -3.12
CA GLU A 163 -40.61 10.56 -2.22
C GLU A 163 -39.37 9.73 -1.98
N VAL A 164 -39.50 8.41 -1.83
CA VAL A 164 -38.31 7.55 -1.74
C VAL A 164 -37.41 7.70 -3.00
N GLN A 165 -38.04 7.74 -4.17
CA GLN A 165 -37.27 7.89 -5.40
C GLN A 165 -36.61 9.28 -5.45
N ALA A 166 -37.39 10.33 -5.21
CA ALA A 166 -36.88 11.71 -5.29
C ALA A 166 -35.72 12.00 -4.32
N GLN A 167 -35.83 11.46 -3.10
CA GLN A 167 -34.78 11.64 -2.09
C GLN A 167 -33.50 10.89 -2.47
N ALA A 168 -33.63 9.64 -2.91
CA ALA A 168 -32.48 8.90 -3.45
C ALA A 168 -31.82 9.63 -4.61
N TRP A 169 -32.65 10.14 -5.51
CA TRP A 169 -32.18 10.87 -6.68
C TRP A 169 -31.33 12.09 -6.27
N GLN A 170 -31.83 12.86 -5.30
CA GLN A 170 -31.17 14.07 -4.80
C GLN A 170 -29.88 13.74 -4.03
N ARG A 171 -29.94 12.73 -3.16
CA ARG A 171 -28.75 12.23 -2.45
C ARG A 171 -27.64 11.79 -3.42
N LEU A 172 -27.99 11.02 -4.44
CA LEU A 172 -27.01 10.51 -5.41
C LEU A 172 -26.45 11.62 -6.28
N GLY A 173 -27.31 12.54 -6.68
CA GLY A 173 -26.92 13.68 -7.50
C GLY A 173 -25.97 14.64 -6.80
N ASP A 174 -26.15 14.78 -5.49
CA ASP A 174 -25.37 15.70 -4.68
C ASP A 174 -24.11 15.05 -4.12
N ASN A 175 -24.06 13.72 -4.12
CA ASN A 175 -22.91 12.96 -3.67
C ASN A 175 -21.68 13.27 -4.53
N PRO A 176 -20.65 13.89 -3.93
CA PRO A 176 -19.50 14.30 -4.74
C PRO A 176 -18.70 13.15 -5.35
N ALA A 177 -18.82 11.95 -4.79
CA ALA A 177 -18.21 10.75 -5.40
C ALA A 177 -18.98 10.17 -6.61
N SER A 178 -20.13 10.77 -6.93
CA SER A 178 -20.93 10.40 -8.10
C SER A 178 -21.11 8.88 -8.30
N PRO A 179 -21.78 8.20 -7.36
CA PRO A 179 -21.93 6.74 -7.51
C PRO A 179 -22.81 6.31 -8.68
N LEU A 180 -23.61 7.22 -9.22
CA LEU A 180 -24.39 6.93 -10.42
C LEU A 180 -23.49 6.73 -11.64
N THR A 181 -22.30 7.33 -11.62
CA THR A 181 -21.39 7.23 -12.76
C THR A 181 -20.91 5.79 -12.95
N ASN A 182 -21.01 5.27 -14.18
CA ASN A 182 -20.39 4.01 -14.51
C ASN A 182 -18.98 4.34 -14.96
N ARG A 183 -18.06 4.30 -14.00
CA ARG A 183 -16.67 4.69 -14.23
C ARG A 183 -15.95 3.81 -15.25
N ALA A 184 -16.40 2.58 -15.42
CA ALA A 184 -15.76 1.63 -16.33
C ALA A 184 -15.85 2.05 -17.80
N ILE A 185 -16.95 2.73 -18.16
CA ILE A 185 -17.24 3.06 -19.57
C ILE A 185 -17.62 4.51 -19.87
N SER A 186 -18.02 5.26 -18.83
CA SER A 186 -18.58 6.61 -19.02
C SER A 186 -17.59 7.71 -18.68
N GLU A 187 -16.49 7.37 -18.03
CA GLU A 187 -15.51 8.37 -17.59
C GLU A 187 -14.16 8.04 -18.19
N THR A 188 -13.41 9.08 -18.56
CA THR A 188 -12.06 8.88 -19.08
C THR A 188 -11.06 9.44 -18.07
N TYR A 189 -9.88 8.84 -18.06
CA TYR A 189 -8.83 9.15 -17.09
C TYR A 189 -7.52 9.17 -17.82
N PRO A 190 -6.53 9.96 -17.34
CA PRO A 190 -5.20 9.78 -17.94
C PRO A 190 -4.73 8.35 -17.66
N PRO A 191 -4.20 7.66 -18.68
CA PRO A 191 -3.69 6.30 -18.50
C PRO A 191 -2.29 6.26 -17.85
N GLY A 192 -1.59 7.39 -17.86
CA GLY A 192 -0.26 7.45 -17.26
C GLY A 192 0.70 6.41 -17.82
N SER A 193 1.47 5.79 -16.93
CA SER A 193 2.48 4.79 -17.28
C SER A 193 1.96 3.60 -18.10
N THR A 194 0.67 3.27 -17.97
CA THR A 194 0.12 2.16 -18.77
C THR A 194 0.21 2.46 -20.28
N PHE A 195 0.22 3.75 -20.62
CA PHE A 195 0.28 4.20 -22.02
C PHE A 195 1.62 3.93 -22.69
N LYS A 196 2.66 3.65 -21.90
CA LYS A 196 3.94 3.22 -22.45
C LYS A 196 3.80 1.93 -23.27
N VAL A 197 2.70 1.21 -23.08
CA VAL A 197 2.38 0.09 -23.95
C VAL A 197 2.16 0.59 -25.38
N ILE A 198 1.44 1.71 -25.53
CA ILE A 198 1.17 2.27 -26.84
C ILE A 198 2.42 2.89 -27.44
N THR A 199 3.16 3.64 -26.61
CA THR A 199 4.40 4.25 -27.06
C THR A 199 5.36 3.17 -27.57
N THR A 200 5.48 2.07 -26.82
CA THR A 200 6.35 0.96 -27.19
C THR A 200 5.89 0.30 -28.49
N ALA A 201 4.57 0.05 -28.60
CA ALA A 201 3.97 -0.51 -29.80
C ALA A 201 4.28 0.35 -31.04
N ALA A 202 4.12 1.66 -30.90
CA ALA A 202 4.42 2.59 -32.00
C ALA A 202 5.88 2.54 -32.41
N ALA A 203 6.79 2.50 -31.41
CA ALA A 203 8.22 2.41 -31.70
C ALA A 203 8.57 1.09 -32.37
N LEU A 204 8.04 -0.01 -31.83
CA LEU A 204 8.29 -1.35 -32.41
C LEU A 204 7.82 -1.49 -33.87
N ALA A 205 6.63 -0.97 -34.17
CA ALA A 205 6.10 -0.95 -35.55
C ALA A 205 6.93 -0.06 -36.48
N ALA A 206 7.55 0.98 -35.93
CA ALA A 206 8.41 1.86 -36.71
C ALA A 206 9.81 1.27 -36.86
N GLY A 207 10.06 0.14 -36.20
CA GLY A 207 11.32 -0.58 -36.35
C GLY A 207 12.33 -0.47 -35.21
N ALA A 208 11.92 0.11 -34.08
CA ALA A 208 12.76 0.09 -32.88
C ALA A 208 12.93 -1.36 -32.42
N THR A 209 14.01 -1.63 -31.69
CA THR A 209 14.20 -2.97 -31.14
C THR A 209 14.25 -2.87 -29.63
N GLU A 210 14.00 -4.00 -28.99
CA GLU A 210 13.96 -4.10 -27.54
C GLU A 210 15.31 -3.88 -26.91
N THR A 211 16.36 -4.06 -27.71
CA THR A 211 17.72 -4.02 -27.17
C THR A 211 18.40 -2.69 -27.41
N GLU A 212 17.73 -1.78 -28.13
CA GLU A 212 18.34 -0.49 -28.40
C GLU A 212 18.37 0.38 -27.15
N GLN A 213 19.33 1.30 -27.12
CA GLN A 213 19.70 1.98 -25.89
C GLN A 213 19.03 3.35 -25.75
N LEU A 214 18.41 3.59 -24.59
CA LEU A 214 17.76 4.85 -24.28
C LEU A 214 18.29 5.43 -22.97
N THR A 215 18.10 6.72 -22.78
CA THR A 215 18.60 7.41 -21.60
C THR A 215 18.12 6.77 -20.29
N ALA A 216 19.05 6.70 -19.33
CA ALA A 216 18.76 6.22 -18.00
C ALA A 216 18.67 7.40 -17.03
N ALA A 217 18.82 8.62 -17.57
CA ALA A 217 18.84 9.87 -16.79
C ALA A 217 17.61 10.05 -15.90
N PRO A 218 17.81 10.55 -14.67
CA PRO A 218 16.73 10.77 -13.71
C PRO A 218 15.79 11.92 -14.11
N THR A 219 16.27 12.87 -14.92
CA THR A 219 15.42 13.93 -15.47
C THR A 219 15.73 14.16 -16.95
N ILE A 220 14.76 14.71 -17.67
CA ILE A 220 14.87 15.00 -19.10
C ILE A 220 14.13 16.31 -19.38
N PRO A 221 14.83 17.30 -20.00
CA PRO A 221 14.13 18.53 -20.35
C PRO A 221 13.09 18.25 -21.44
N LEU A 222 11.96 18.95 -21.39
CA LEU A 222 10.99 18.86 -22.48
C LEU A 222 11.34 19.93 -23.50
N PRO A 223 11.37 19.57 -24.80
CA PRO A 223 11.85 20.51 -25.83
C PRO A 223 10.90 21.70 -25.98
N GLY A 224 11.46 22.88 -26.21
CA GLY A 224 10.65 24.08 -26.41
C GLY A 224 9.79 24.46 -25.21
N SER A 225 10.22 24.07 -24.01
CA SER A 225 9.60 24.54 -22.76
C SER A 225 10.56 24.45 -21.57
N THR A 226 10.20 25.12 -20.48
CA THR A 226 11.00 25.16 -19.25
C THR A 226 10.76 23.91 -18.39
N ALA A 227 9.67 23.20 -18.67
CA ALA A 227 9.29 21.99 -17.93
C ALA A 227 10.27 20.83 -18.15
N GLN A 228 10.44 20.03 -17.10
CA GLN A 228 11.16 18.78 -17.23
C GLN A 228 10.36 17.62 -16.64
N LEU A 229 10.59 16.44 -17.18
CA LEU A 229 9.96 15.26 -16.66
C LEU A 229 11.02 14.45 -15.95
N GLU A 230 10.62 13.83 -14.84
CA GLU A 230 11.53 13.02 -14.05
C GLU A 230 10.99 11.60 -13.90
N ASN A 231 11.89 10.67 -13.62
CA ASN A 231 11.53 9.30 -13.32
C ASN A 231 10.81 9.28 -11.98
N TYR A 232 9.84 8.38 -11.86
CA TYR A 232 9.17 8.16 -10.59
C TYR A 232 10.21 7.91 -9.49
N GLY A 233 10.10 8.64 -8.40
CA GLY A 233 11.08 8.55 -7.31
C GLY A 233 12.36 9.32 -7.53
N GLY A 234 12.52 9.90 -8.71
CA GLY A 234 13.71 10.70 -9.06
C GLY A 234 15.02 9.95 -9.22
N ALA A 235 14.95 8.63 -9.41
CA ALA A 235 16.15 7.82 -9.54
C ALA A 235 16.45 7.56 -11.01
N PRO A 236 17.74 7.38 -11.36
CA PRO A 236 18.11 6.96 -12.71
C PRO A 236 17.55 5.57 -13.02
N CYS A 237 17.36 5.26 -14.30
CA CYS A 237 16.77 3.99 -14.70
C CYS A 237 17.65 2.81 -14.27
N GLY A 238 18.95 2.94 -14.47
CA GLY A 238 19.92 1.98 -13.95
C GLY A 238 21.23 2.68 -13.65
N ASP A 239 22.25 1.89 -13.26
CA ASP A 239 23.58 2.39 -12.91
C ASP A 239 24.50 2.50 -14.13
N GLU A 240 23.90 2.64 -15.32
CA GLU A 240 24.64 2.83 -16.56
C GLU A 240 24.12 4.12 -17.19
N PRO A 241 24.89 4.73 -18.11
CA PRO A 241 24.40 5.90 -18.87
C PRO A 241 23.09 5.63 -19.61
N THR A 242 22.94 4.44 -20.17
CA THR A 242 21.74 4.07 -20.94
C THR A 242 21.19 2.73 -20.51
N VAL A 243 19.96 2.40 -20.93
CA VAL A 243 19.39 1.07 -20.73
C VAL A 243 18.65 0.64 -22.00
N SER A 244 18.49 -0.67 -22.16
CA SER A 244 17.74 -1.20 -23.29
C SER A 244 16.27 -0.79 -23.18
N LEU A 245 15.61 -0.66 -24.33
CA LEU A 245 14.16 -0.46 -24.37
C LEU A 245 13.45 -1.49 -23.48
N ARG A 246 13.82 -2.76 -23.57
CA ARG A 246 13.20 -3.79 -22.70
C ARG A 246 13.35 -3.43 -21.22
N GLU A 247 14.56 -3.08 -20.82
CA GLU A 247 14.81 -2.73 -19.44
C GLU A 247 13.97 -1.53 -19.01
N ALA A 248 13.94 -0.47 -19.83
CA ALA A 248 13.13 0.73 -19.54
C ALA A 248 11.66 0.38 -19.39
N PHE A 249 11.16 -0.53 -20.24
CA PHE A 249 9.75 -0.93 -20.15
C PHE A 249 9.46 -1.64 -18.83
N VAL A 250 10.25 -2.65 -18.49
CA VAL A 250 9.94 -3.41 -17.28
C VAL A 250 10.12 -2.56 -16.02
N LYS A 251 11.13 -1.68 -16.03
CA LYS A 251 11.35 -0.76 -14.94
C LYS A 251 10.41 0.45 -15.02
N SER A 252 9.80 0.64 -16.19
CA SER A 252 8.88 1.75 -16.46
C SER A 252 9.52 3.13 -16.25
N CYS A 253 10.69 3.33 -16.83
CA CYS A 253 11.47 4.55 -16.61
C CYS A 253 10.93 5.66 -17.49
N ASN A 254 10.44 6.73 -16.88
CA ASN A 254 9.79 7.83 -17.62
C ASN A 254 10.63 8.51 -18.70
N THR A 255 11.88 8.82 -18.37
CA THR A 255 12.70 9.64 -19.25
C THR A 255 13.05 8.91 -20.56
N ALA A 256 13.25 7.60 -20.46
CA ALA A 256 13.44 6.73 -21.61
C ALA A 256 12.24 6.73 -22.55
N PHE A 257 11.02 6.77 -22.03
CA PHE A 257 9.84 6.83 -22.89
C PHE A 257 9.52 8.22 -23.43
N VAL A 258 9.91 9.25 -22.67
CA VAL A 258 9.83 10.62 -23.19
C VAL A 258 10.75 10.70 -24.42
N GLN A 259 11.98 10.26 -24.25
CA GLN A 259 12.96 10.25 -25.34
C GLN A 259 12.48 9.37 -26.50
N LEU A 260 11.98 8.18 -26.20
CA LEU A 260 11.51 7.25 -27.22
C LEU A 260 10.31 7.79 -28.01
N GLY A 261 9.32 8.36 -27.30
CA GLY A 261 8.13 8.90 -27.95
C GLY A 261 8.44 10.07 -28.86
N ILE A 262 9.24 11.01 -28.36
CA ILE A 262 9.67 12.13 -29.18
C ILE A 262 10.42 11.62 -30.43
N ARG A 263 11.26 10.61 -30.27
CA ARG A 263 11.97 10.01 -31.41
C ARG A 263 11.00 9.38 -32.40
N THR A 264 9.99 8.70 -31.86
CA THR A 264 9.03 7.98 -32.70
C THR A 264 8.11 8.94 -33.46
N GLY A 265 7.71 10.02 -32.79
CA GLY A 265 6.99 11.12 -33.43
C GLY A 265 5.49 11.13 -33.19
N ALA A 266 4.89 12.31 -33.26
CA ALA A 266 3.48 12.52 -33.00
C ALA A 266 2.56 11.78 -33.96
N ASP A 267 2.92 11.76 -35.25
CA ASP A 267 2.10 11.05 -36.26
C ASP A 267 2.00 9.56 -35.96
N ALA A 268 3.15 8.93 -35.66
CA ALA A 268 3.20 7.51 -35.36
C ALA A 268 2.45 7.16 -34.08
N LEU A 269 2.52 8.05 -33.07
CA LEU A 269 1.84 7.80 -31.80
C LEU A 269 0.31 7.89 -31.98
N ARG A 270 -0.14 8.92 -32.69
CA ARG A 270 -1.54 9.11 -33.08
C ARG A 270 -2.10 7.91 -33.83
N SER A 271 -1.30 7.39 -34.77
CA SER A 271 -1.66 6.26 -35.59
C SER A 271 -1.79 4.98 -34.77
N MET A 272 -0.85 4.77 -33.84
CA MET A 272 -0.92 3.58 -32.98
C MET A 272 -2.07 3.67 -31.97
N ALA A 273 -2.23 4.86 -31.38
CA ALA A 273 -3.39 5.13 -30.51
C ALA A 273 -4.70 4.78 -31.23
N ARG A 274 -4.83 5.23 -32.47
CA ARG A 274 -6.01 4.94 -33.29
C ARG A 274 -6.17 3.44 -33.57
N ALA A 275 -5.06 2.78 -33.90
CA ALA A 275 -5.05 1.35 -34.16
C ALA A 275 -5.59 0.58 -32.93
N PHE A 276 -5.37 1.14 -31.74
CA PHE A 276 -5.80 0.52 -30.50
C PHE A 276 -7.13 1.07 -30.00
N GLY A 277 -7.85 1.78 -30.88
CA GLY A 277 -9.21 2.22 -30.61
C GLY A 277 -9.41 3.60 -30.05
N LEU A 278 -8.33 4.35 -29.83
CA LEU A 278 -8.48 5.72 -29.37
C LEU A 278 -8.90 6.60 -30.54
N ASP A 279 -9.62 7.69 -30.25
CA ASP A 279 -10.01 8.66 -31.26
C ASP A 279 -10.90 8.06 -32.35
N SER A 280 -11.58 6.98 -31.98
CA SER A 280 -12.64 6.35 -32.77
C SER A 280 -13.86 6.21 -31.86
N PRO A 281 -15.05 6.56 -32.37
CA PRO A 281 -16.24 6.47 -31.53
C PRO A 281 -16.55 5.02 -31.22
N PRO A 282 -16.55 4.64 -29.93
CA PRO A 282 -16.86 3.24 -29.65
C PRO A 282 -18.23 2.78 -30.12
N ARG A 283 -18.28 1.51 -30.53
CA ARG A 283 -19.52 0.84 -30.85
C ARG A 283 -20.25 0.54 -29.56
N PRO A 284 -21.59 0.54 -29.60
CA PRO A 284 -22.32 0.31 -28.35
C PRO A 284 -22.20 -1.16 -27.94
N THR A 285 -22.33 -1.43 -26.65
CA THR A 285 -21.99 -2.77 -26.12
C THR A 285 -23.15 -3.68 -25.67
N PRO A 286 -24.43 -3.23 -25.69
CA PRO A 286 -25.14 -2.06 -26.26
C PRO A 286 -25.10 -0.80 -25.41
N LEU A 287 -24.40 -0.85 -24.27
CA LEU A 287 -24.15 0.37 -23.49
C LEU A 287 -23.19 1.28 -24.25
N GLN A 288 -23.45 2.58 -24.22
CA GLN A 288 -22.56 3.55 -24.85
C GLN A 288 -21.28 3.70 -24.03
N VAL A 289 -20.16 3.77 -24.73
CA VAL A 289 -18.83 3.94 -24.11
C VAL A 289 -18.30 5.30 -24.52
N ALA A 290 -17.76 6.05 -23.55
CA ALA A 290 -17.09 7.32 -23.81
C ALA A 290 -15.90 7.09 -24.72
N GLU A 291 -15.73 8.00 -25.67
CA GLU A 291 -14.60 7.94 -26.60
C GLU A 291 -13.32 8.27 -25.87
N SER A 292 -12.28 7.46 -26.10
CA SER A 292 -10.95 7.71 -25.57
C SER A 292 -10.13 8.47 -26.60
N THR A 293 -9.13 9.20 -26.13
CA THR A 293 -8.37 10.09 -27.02
C THR A 293 -6.89 10.15 -26.65
N VAL A 294 -6.04 10.31 -27.66
CA VAL A 294 -4.61 10.57 -27.45
C VAL A 294 -4.36 12.08 -27.30
N GLY A 295 -5.34 12.89 -27.66
CA GLY A 295 -5.20 14.36 -27.63
C GLY A 295 -4.64 14.88 -28.94
N PRO A 296 -4.67 16.22 -29.13
CA PRO A 296 -4.21 16.81 -30.38
C PRO A 296 -2.67 16.84 -30.54
N ILE A 297 -1.94 16.74 -29.43
CA ILE A 297 -0.45 16.79 -29.44
C ILE A 297 0.10 18.02 -30.20
N PRO A 298 -0.18 19.24 -29.69
CA PRO A 298 0.16 20.50 -30.40
C PRO A 298 1.66 20.78 -30.55
N ASP A 299 2.46 20.30 -29.61
CA ASP A 299 3.90 20.53 -29.67
C ASP A 299 4.67 19.34 -29.13
N SER A 300 5.99 19.44 -29.19
CA SER A 300 6.85 18.35 -28.74
C SER A 300 6.95 18.23 -27.22
N ALA A 301 6.71 19.33 -26.49
CA ALA A 301 6.55 19.24 -25.03
C ALA A 301 5.33 18.36 -24.70
N ALA A 302 4.23 18.63 -25.39
CA ALA A 302 3.03 17.83 -25.28
C ALA A 302 3.29 16.37 -25.67
N LEU A 303 4.01 16.17 -26.77
CA LEU A 303 4.37 14.81 -27.21
C LEU A 303 5.16 14.07 -26.14
N GLY A 304 6.14 14.74 -25.54
CA GLY A 304 6.87 14.16 -24.42
C GLY A 304 5.95 13.63 -23.34
N MET A 305 5.01 14.48 -22.91
CA MET A 305 4.05 14.16 -21.85
C MET A 305 3.05 13.07 -22.30
N THR A 306 2.64 13.12 -23.56
CA THR A 306 1.73 12.13 -24.15
C THR A 306 2.31 10.73 -24.12
N SER A 307 3.64 10.65 -24.30
CA SER A 307 4.35 9.39 -24.46
C SER A 307 4.37 8.56 -23.18
N ILE A 308 4.15 9.24 -22.05
CA ILE A 308 3.98 8.57 -20.74
C ILE A 308 2.56 8.75 -20.21
N GLY A 309 1.63 8.92 -21.14
CA GLY A 309 0.20 8.87 -20.88
C GLY A 309 -0.38 10.05 -20.13
N GLN A 310 0.28 11.20 -20.23
CA GLN A 310 -0.23 12.42 -19.62
C GLN A 310 -0.73 13.40 -20.68
N LYS A 311 -0.51 14.69 -20.44
CA LYS A 311 -1.11 15.76 -21.25
C LYS A 311 -2.62 15.54 -21.51
N ASP A 312 -3.01 15.31 -22.77
CA ASP A 312 -4.42 15.19 -23.14
C ASP A 312 -4.88 13.73 -23.36
N VAL A 313 -4.01 12.76 -23.13
CA VAL A 313 -4.43 11.35 -23.25
C VAL A 313 -5.48 11.00 -22.20
N ALA A 314 -6.61 10.45 -22.64
CA ALA A 314 -7.69 10.11 -21.72
C ALA A 314 -8.40 8.84 -22.22
N LEU A 315 -8.47 7.83 -21.36
CA LEU A 315 -8.99 6.52 -21.72
C LEU A 315 -10.02 6.08 -20.71
N THR A 316 -11.04 5.36 -21.15
CA THR A 316 -11.94 4.67 -20.24
C THR A 316 -11.19 3.46 -19.72
N PRO A 317 -11.53 2.99 -18.50
CA PRO A 317 -11.02 1.68 -18.07
C PRO A 317 -11.29 0.54 -19.07
N LEU A 318 -12.47 0.51 -19.70
CA LEU A 318 -12.73 -0.46 -20.75
C LEU A 318 -11.71 -0.39 -21.91
N ALA A 319 -11.40 0.83 -22.38
CA ALA A 319 -10.39 1.00 -23.44
C ALA A 319 -9.01 0.48 -23.01
N ASN A 320 -8.63 0.71 -21.76
CA ASN A 320 -7.36 0.17 -21.27
C ASN A 320 -7.39 -1.38 -21.17
N ALA A 321 -8.51 -1.96 -20.73
CA ALA A 321 -8.67 -3.44 -20.77
C ALA A 321 -8.58 -3.96 -22.19
N GLU A 322 -9.13 -3.19 -23.13
CA GLU A 322 -9.13 -3.54 -24.55
C GLU A 322 -7.72 -3.57 -25.16
N ILE A 323 -6.87 -2.63 -24.77
CA ILE A 323 -5.44 -2.66 -25.20
C ILE A 323 -4.80 -3.97 -24.75
N ALA A 324 -5.00 -4.31 -23.48
CA ALA A 324 -4.47 -5.56 -22.94
C ALA A 324 -5.07 -6.79 -23.67
N ALA A 325 -6.39 -6.76 -23.92
CA ALA A 325 -7.10 -7.86 -24.60
C ALA A 325 -6.60 -8.02 -26.06
N THR A 326 -6.39 -6.91 -26.73
CA THR A 326 -5.85 -6.88 -28.08
C THR A 326 -4.46 -7.56 -28.18
N ILE A 327 -3.54 -7.15 -27.32
CA ILE A 327 -2.22 -7.79 -27.23
C ILE A 327 -2.41 -9.29 -26.94
N ALA A 328 -3.24 -9.60 -25.94
CA ALA A 328 -3.53 -10.98 -25.55
C ALA A 328 -4.02 -11.84 -26.71
N ASN A 329 -4.83 -11.24 -27.57
CA ASN A 329 -5.37 -11.93 -28.75
C ASN A 329 -4.50 -11.76 -30.02
N GLY A 330 -3.18 -11.69 -29.86
CA GLY A 330 -2.28 -11.66 -31.02
C GLY A 330 -2.35 -10.41 -31.89
N GLY A 331 -2.86 -9.30 -31.33
CA GLY A 331 -2.93 -8.02 -32.07
C GLY A 331 -4.31 -7.72 -32.67
N ILE A 332 -5.23 -8.66 -32.51
CA ILE A 332 -6.60 -8.51 -33.04
C ILE A 332 -7.56 -8.08 -31.93
N THR A 333 -8.24 -6.96 -32.19
CA THR A 333 -9.24 -6.44 -31.28
C THR A 333 -10.61 -7.06 -31.60
N MET A 334 -11.16 -7.77 -30.62
CA MET A 334 -12.52 -8.27 -30.72
C MET A 334 -13.48 -7.18 -30.20
N ARG A 335 -14.60 -7.04 -30.88
CA ARG A 335 -15.62 -6.08 -30.49
C ARG A 335 -16.18 -6.48 -29.11
N PRO A 336 -16.06 -5.58 -28.12
CA PRO A 336 -16.54 -5.98 -26.80
C PRO A 336 -18.06 -5.97 -26.75
N TYR A 337 -18.61 -6.95 -26.07
CA TYR A 337 -20.06 -7.00 -25.94
C TYR A 337 -20.45 -7.52 -24.57
N LEU A 338 -21.62 -7.05 -24.11
CA LEU A 338 -22.14 -7.32 -22.77
C LEU A 338 -23.33 -8.27 -22.82
N VAL A 339 -23.99 -8.35 -23.98
CA VAL A 339 -25.19 -9.17 -24.12
C VAL A 339 -24.91 -10.36 -25.01
N GLY A 340 -24.95 -11.56 -24.43
CA GLY A 340 -24.71 -12.80 -25.18
C GLY A 340 -25.91 -13.28 -25.95
N SER A 341 -27.09 -13.16 -25.36
CA SER A 341 -28.31 -13.56 -26.04
C SER A 341 -29.57 -12.91 -25.49
N LEU A 342 -30.57 -12.84 -26.36
CA LEU A 342 -31.91 -12.37 -26.01
C LEU A 342 -32.84 -13.54 -26.19
N LYS A 343 -33.77 -13.72 -25.25
CA LYS A 343 -34.73 -14.82 -25.29
C LYS A 343 -36.14 -14.29 -25.08
N GLY A 344 -37.12 -15.08 -25.50
CA GLY A 344 -38.52 -14.79 -25.19
C GLY A 344 -38.90 -15.17 -23.75
N PRO A 345 -40.13 -14.83 -23.33
CA PRO A 345 -40.63 -15.13 -21.98
C PRO A 345 -40.55 -16.63 -21.68
N ASP A 346 -40.66 -17.45 -22.71
CA ASP A 346 -40.60 -18.90 -22.56
C ASP A 346 -39.19 -19.44 -22.91
N LEU A 347 -38.24 -18.51 -22.98
CA LEU A 347 -36.81 -18.78 -23.16
C LEU A 347 -36.37 -19.29 -24.54
N ALA A 348 -37.26 -19.24 -25.52
CA ALA A 348 -36.85 -19.51 -26.90
C ALA A 348 -35.89 -18.40 -27.37
N ASN A 349 -34.93 -18.79 -28.19
CA ASN A 349 -33.92 -17.86 -28.69
C ASN A 349 -34.52 -16.77 -29.61
N ILE A 350 -34.10 -15.53 -29.40
CA ILE A 350 -34.51 -14.40 -30.25
C ILE A 350 -33.31 -13.94 -31.04
N SER A 351 -32.20 -13.74 -30.33
CA SER A 351 -30.93 -13.32 -30.92
C SER A 351 -29.76 -13.89 -30.10
N THR A 352 -28.68 -14.23 -30.80
CA THR A 352 -27.42 -14.64 -30.17
C THR A 352 -26.29 -13.77 -30.74
N THR A 353 -25.51 -13.14 -29.86
CA THR A 353 -24.43 -12.29 -30.33
C THR A 353 -23.32 -13.14 -30.94
N VAL A 354 -22.82 -12.71 -32.10
CA VAL A 354 -21.68 -13.37 -32.74
C VAL A 354 -20.44 -12.49 -32.57
N ARG A 355 -19.32 -13.10 -32.20
CA ARG A 355 -18.06 -12.39 -32.05
C ARG A 355 -17.60 -11.79 -33.38
N TYR A 356 -16.94 -10.64 -33.32
CA TYR A 356 -16.53 -9.90 -34.50
C TYR A 356 -15.12 -9.34 -34.32
N GLN A 357 -14.24 -9.64 -35.27
CA GLN A 357 -12.89 -9.05 -35.32
C GLN A 357 -13.01 -7.62 -35.83
N GLN A 358 -12.85 -6.68 -34.91
CA GLN A 358 -13.05 -5.27 -35.18
C GLN A 358 -11.90 -4.69 -36.02
N ARG A 359 -10.68 -5.01 -35.63
CA ARG A 359 -9.48 -4.37 -36.21
C ARG A 359 -8.21 -5.11 -35.80
N ARG A 360 -7.23 -5.17 -36.70
CA ARG A 360 -5.89 -5.56 -36.29
C ARG A 360 -5.12 -4.30 -35.90
N ALA A 361 -4.71 -4.23 -34.62
CA ALA A 361 -4.00 -3.07 -34.11
C ALA A 361 -2.51 -3.15 -34.42
N VAL A 362 -1.99 -4.36 -34.39
CA VAL A 362 -0.56 -4.58 -34.36
C VAL A 362 -0.31 -5.98 -34.92
N SER A 363 0.86 -6.20 -35.55
CA SER A 363 1.19 -7.49 -36.14
C SER A 363 1.32 -8.54 -35.04
N PRO A 364 1.24 -9.84 -35.39
CA PRO A 364 1.42 -10.88 -34.36
C PRO A 364 2.80 -10.81 -33.71
N GLN A 365 3.80 -10.38 -34.47
CA GLN A 365 5.16 -10.26 -33.98
C GLN A 365 5.26 -9.16 -32.91
N VAL A 366 4.63 -8.03 -33.17
CA VAL A 366 4.63 -6.93 -32.20
C VAL A 366 3.84 -7.32 -30.96
N ALA A 367 2.68 -7.95 -31.16
CA ALA A 367 1.86 -8.46 -30.06
C ALA A 367 2.67 -9.38 -29.16
N ALA A 368 3.43 -10.30 -29.75
CA ALA A 368 4.32 -11.18 -28.98
C ALA A 368 5.44 -10.44 -28.25
N LYS A 369 6.03 -9.43 -28.90
CA LYS A 369 7.10 -8.68 -28.25
C LYS A 369 6.51 -7.95 -27.05
N LEU A 370 5.34 -7.33 -27.23
CA LEU A 370 4.69 -6.59 -26.14
C LEU A 370 4.31 -7.54 -25.00
N THR A 371 3.84 -8.73 -25.34
CA THR A 371 3.52 -9.75 -24.37
C THR A 371 4.73 -10.11 -23.49
N GLU A 372 5.87 -10.33 -24.13
CA GLU A 372 7.13 -10.64 -23.46
C GLU A 372 7.57 -9.49 -22.54
N LEU A 373 7.43 -8.27 -23.02
CA LEU A 373 7.74 -7.08 -22.22
C LEU A 373 6.86 -7.01 -20.98
N MET A 374 5.58 -7.30 -21.17
CA MET A 374 4.59 -7.27 -20.11
C MET A 374 4.73 -8.44 -19.13
N VAL A 375 5.14 -9.59 -19.63
CA VAL A 375 5.54 -10.69 -18.73
C VAL A 375 6.73 -10.25 -17.85
N GLY A 376 7.68 -9.55 -18.45
CA GLY A 376 8.83 -9.03 -17.71
C GLY A 376 8.41 -8.00 -16.66
N ALA A 377 7.56 -7.06 -17.05
CA ALA A 377 7.05 -6.03 -16.11
C ALA A 377 6.30 -6.65 -14.92
N GLU A 378 5.50 -7.68 -15.18
CA GLU A 378 4.75 -8.32 -14.09
C GLU A 378 5.72 -8.85 -13.04
N LYS A 379 6.82 -9.44 -13.50
CA LYS A 379 7.80 -10.08 -12.62
C LYS A 379 8.58 -9.10 -11.76
N VAL A 380 8.72 -7.88 -12.27
CA VAL A 380 9.40 -6.81 -11.55
C VAL A 380 8.54 -6.27 -10.41
N GLN A 383 4.57 -8.48 -5.93
CA GLN A 383 3.95 -9.71 -6.43
C GLN A 383 2.74 -10.17 -5.60
N LYS A 384 2.05 -9.22 -4.95
CA LYS A 384 0.96 -9.55 -4.03
C LYS A 384 -0.20 -10.15 -4.81
N GLY A 385 -0.58 -11.38 -4.44
CA GLY A 385 -1.69 -12.05 -5.10
C GLY A 385 -1.33 -12.85 -6.34
N ALA A 386 -0.04 -13.04 -6.59
CA ALA A 386 0.43 -13.90 -7.68
C ALA A 386 -0.25 -15.27 -7.58
N ILE A 387 -0.50 -15.90 -8.72
CA ILE A 387 -1.22 -17.16 -8.78
C ILE A 387 -0.26 -18.27 -9.20
N PRO A 388 -0.06 -19.28 -8.32
CA PRO A 388 0.77 -20.44 -8.65
C PRO A 388 0.42 -21.06 -10.00
N GLY A 389 1.42 -21.15 -10.88
CA GLY A 389 1.27 -21.82 -12.18
C GLY A 389 0.52 -20.99 -13.20
N VAL A 390 0.42 -19.68 -12.95
CA VAL A 390 -0.23 -18.78 -13.88
C VAL A 390 0.71 -17.61 -14.16
N GLN A 391 1.12 -17.52 -15.41
CA GLN A 391 1.97 -16.44 -15.88
C GLN A 391 1.11 -15.27 -16.32
N ILE A 392 1.37 -14.11 -15.73
CA ILE A 392 0.57 -12.92 -16.01
C ILE A 392 1.44 -11.93 -16.77
N ALA A 393 0.89 -11.34 -17.82
CA ALA A 393 1.51 -10.23 -18.53
C ALA A 393 0.79 -9.00 -18.02
N SER A 394 1.53 -7.98 -17.61
CA SER A 394 0.89 -6.80 -17.05
C SER A 394 1.66 -5.52 -17.30
N LYS A 395 1.01 -4.40 -16.98
CA LYS A 395 1.68 -3.12 -16.84
C LYS A 395 1.02 -2.37 -15.69
N THR A 396 1.79 -2.00 -14.66
CA THR A 396 1.24 -1.19 -13.56
C THR A 396 1.82 0.21 -13.61
N GLY A 397 0.98 1.21 -13.38
CA GLY A 397 1.49 2.57 -13.38
C GLY A 397 0.62 3.54 -12.61
N THR A 398 1.05 4.79 -12.61
CA THR A 398 0.30 5.86 -11.99
C THR A 398 -0.01 6.88 -13.07
N ALA A 399 -0.97 7.76 -12.76
CA ALA A 399 -1.40 8.80 -13.68
C ALA A 399 -1.76 10.04 -12.89
N GLU A 400 -1.01 11.12 -13.11
CA GLU A 400 -1.34 12.45 -12.59
C GLU A 400 -2.63 12.96 -13.21
N HIS A 401 -3.37 13.82 -12.50
CA HIS A 401 -4.66 14.29 -12.97
C HIS A 401 -5.07 15.63 -12.36
N GLY A 402 -6.07 16.27 -12.96
CA GLY A 402 -6.66 17.48 -12.40
C GLY A 402 -5.89 18.72 -12.76
N THR A 403 -6.19 19.81 -12.06
CA THR A 403 -5.59 21.12 -12.33
C THR A 403 -4.33 21.36 -11.49
N ASP A 404 -4.11 20.49 -10.51
CA ASP A 404 -2.89 20.51 -9.69
C ASP A 404 -2.26 19.10 -9.60
N PRO A 405 -1.78 18.56 -10.75
CA PRO A 405 -1.29 17.18 -10.84
C PRO A 405 -0.06 16.85 -9.99
N ARG A 406 0.73 17.87 -9.65
CA ARG A 406 1.98 17.64 -8.90
C ARG A 406 1.76 17.38 -7.41
N HIS A 407 0.57 17.70 -6.92
CA HIS A 407 0.26 17.56 -5.51
C HIS A 407 -0.83 16.52 -5.24
N THR A 408 -1.83 16.46 -6.11
CA THR A 408 -2.95 15.53 -5.96
C THR A 408 -2.44 14.10 -6.12
N PRO A 409 -2.87 13.19 -5.21
CA PRO A 409 -2.44 11.78 -5.33
C PRO A 409 -2.83 11.26 -6.72
N PRO A 410 -1.85 10.77 -7.47
CA PRO A 410 -2.12 10.22 -8.81
C PRO A 410 -3.01 8.97 -8.76
N HIS A 411 -3.61 8.63 -9.89
CA HIS A 411 -4.37 7.39 -10.04
C HIS A 411 -3.43 6.19 -10.12
N ALA A 412 -3.94 5.01 -9.78
CA ALA A 412 -3.14 3.79 -9.89
C ALA A 412 -3.86 2.88 -10.86
N TRP A 413 -3.12 2.42 -11.88
CA TRP A 413 -3.65 1.57 -12.92
C TRP A 413 -2.92 0.24 -12.90
N TYR A 414 -3.65 -0.82 -13.26
CA TYR A 414 -3.05 -2.12 -13.58
C TYR A 414 -3.80 -2.64 -14.79
N ILE A 415 -3.08 -2.97 -15.85
CA ILE A 415 -3.69 -3.67 -16.98
C ILE A 415 -2.95 -4.98 -17.20
N ALA A 416 -3.68 -6.03 -17.57
CA ALA A 416 -3.06 -7.36 -17.55
C ALA A 416 -3.84 -8.39 -18.33
N PHE A 417 -3.17 -9.47 -18.67
CA PHE A 417 -3.83 -10.65 -19.22
C PHE A 417 -3.13 -11.92 -18.81
N ALA A 418 -3.85 -13.04 -18.87
CA ALA A 418 -3.35 -14.31 -18.35
C ALA A 418 -4.23 -15.44 -18.87
N PRO A 419 -3.69 -16.68 -18.96
CA PRO A 419 -2.27 -17.01 -18.87
C PRO A 419 -1.58 -16.34 -20.03
N ALA A 420 -0.37 -15.82 -19.82
CA ALA A 420 0.24 -14.97 -20.82
C ALA A 420 0.41 -15.64 -22.18
N GLN A 421 0.61 -16.96 -22.16
CA GLN A 421 0.93 -17.68 -23.40
C GLN A 421 -0.29 -18.17 -24.18
N ALA A 422 -1.45 -18.16 -23.53
CA ALA A 422 -2.73 -18.53 -24.17
C ALA A 422 -3.86 -17.89 -23.37
N PRO A 423 -4.01 -16.55 -23.45
CA PRO A 423 -4.86 -15.77 -22.55
C PRO A 423 -6.35 -16.09 -22.57
N LYS A 424 -6.98 -16.03 -21.39
CA LYS A 424 -8.42 -16.30 -21.25
C LYS A 424 -9.15 -15.10 -20.64
N VAL A 425 -8.37 -14.16 -20.12
CA VAL A 425 -8.93 -13.00 -19.47
C VAL A 425 -7.94 -11.83 -19.62
N ALA A 426 -8.47 -10.64 -19.77
CA ALA A 426 -7.70 -9.42 -19.75
C ALA A 426 -8.42 -8.48 -18.78
N VAL A 427 -7.67 -7.69 -18.02
CA VAL A 427 -8.27 -6.82 -17.00
C VAL A 427 -7.70 -5.42 -17.05
N ALA A 428 -8.50 -4.46 -16.60
CA ALA A 428 -7.99 -3.14 -16.27
C ALA A 428 -8.54 -2.77 -14.93
N VAL A 429 -7.66 -2.27 -14.07
CA VAL A 429 -8.05 -1.77 -12.75
C VAL A 429 -7.64 -0.32 -12.73
N LEU A 430 -8.59 0.54 -12.43
CA LEU A 430 -8.25 1.92 -12.10
C LEU A 430 -8.66 2.22 -10.66
N VAL A 431 -7.68 2.60 -9.83
CA VAL A 431 -7.94 3.07 -8.49
C VAL A 431 -7.67 4.57 -8.46
N GLU A 432 -8.74 5.34 -8.39
CA GLU A 432 -8.63 6.80 -8.35
C GLU A 432 -7.88 7.24 -7.08
N ASN A 433 -6.88 8.10 -7.26
CA ASN A 433 -6.04 8.61 -6.17
C ASN A 433 -5.33 7.49 -5.40
N GLY A 434 -5.13 6.35 -6.06
CA GLY A 434 -4.62 5.14 -5.40
C GLY A 434 -3.11 5.02 -5.46
N ALA A 435 -2.47 5.99 -6.12
CA ALA A 435 -1.02 5.97 -6.26
C ALA A 435 -0.22 5.92 -4.96
N ASP A 436 0.86 5.15 -5.07
CA ASP A 436 1.89 4.78 -4.11
C ASP A 436 3.01 5.82 -4.11
N ARG A 437 3.80 5.89 -3.03
CA ARG A 437 5.06 6.65 -3.08
C ARG A 437 6.33 5.80 -2.83
N LEU A 438 6.13 4.51 -2.59
CA LEU A 438 7.25 3.61 -2.23
C LEU A 438 7.49 2.48 -3.23
N SER A 439 6.43 1.95 -3.83
CA SER A 439 6.54 0.78 -4.70
C SER A 439 7.32 1.09 -5.97
N ALA A 440 7.72 0.06 -6.71
CA ALA A 440 8.50 0.22 -7.95
C ALA A 440 7.89 1.18 -8.99
N THR A 441 6.56 1.12 -9.20
CA THR A 441 5.91 2.05 -10.14
C THR A 441 5.03 3.09 -9.47
N GLY A 442 4.60 2.80 -8.24
CA GLY A 442 3.69 3.67 -7.54
C GLY A 442 2.23 3.34 -7.82
N GLY A 443 1.99 2.25 -8.54
CA GLY A 443 0.63 1.82 -8.85
C GLY A 443 0.27 0.53 -8.18
N ALA A 444 1.04 0.16 -7.17
CA ALA A 444 0.96 -1.17 -6.55
C ALA A 444 -0.39 -1.58 -5.97
N LEU A 445 -1.16 -0.63 -5.42
CA LEU A 445 -2.48 -0.93 -4.86
C LEU A 445 -3.45 -1.53 -5.89
N ALA A 446 -3.29 -1.13 -7.14
CA ALA A 446 -4.13 -1.60 -8.25
C ALA A 446 -3.82 -3.05 -8.62
N ALA A 447 -2.57 -3.47 -8.42
CA ALA A 447 -2.09 -4.77 -8.88
C ALA A 447 -2.79 -6.00 -8.26
N PRO A 448 -2.87 -6.09 -6.92
CA PRO A 448 -3.52 -7.30 -6.35
C PRO A 448 -5.03 -7.38 -6.64
N ILE A 449 -5.66 -6.23 -6.88
CA ILE A 449 -7.07 -6.18 -7.33
C ILE A 449 -7.19 -6.87 -8.69
N GLY A 450 -6.26 -6.56 -9.59
CA GLY A 450 -6.21 -7.19 -10.92
C GLY A 450 -5.97 -8.68 -10.82
N ARG A 451 -5.04 -9.09 -9.95
CA ARG A 451 -4.72 -10.50 -9.78
C ARG A 451 -5.87 -11.30 -9.16
N ALA A 452 -6.59 -10.70 -8.21
CA ALA A 452 -7.78 -11.37 -7.64
C ALA A 452 -8.85 -11.60 -8.71
N VAL A 453 -8.94 -10.66 -9.64
CA VAL A 453 -9.92 -10.74 -10.73
C VAL A 453 -9.53 -11.84 -11.71
N ILE A 454 -8.24 -11.86 -12.07
CA ILE A 454 -7.68 -12.92 -12.91
C ILE A 454 -7.84 -14.30 -12.27
N GLU A 455 -7.55 -14.38 -10.97
CA GLU A 455 -7.68 -15.65 -10.24
C GLU A 455 -9.11 -16.16 -10.35
N ALA A 456 -10.07 -15.27 -10.13
CA ALA A 456 -11.50 -15.61 -10.20
C ALA A 456 -11.88 -16.11 -11.59
N ALA A 457 -11.37 -15.41 -12.60
CA ALA A 457 -11.59 -15.80 -14.01
C ALA A 457 -11.04 -17.18 -14.37
N LEU A 458 -9.92 -17.55 -13.78
CA LEU A 458 -9.22 -18.80 -14.14
C LEU A 458 -9.54 -20.00 -13.27
N GLN A 459 -10.29 -19.77 -12.19
CA GLN A 459 -10.65 -20.85 -11.28
C GLN A 459 -11.43 -22.00 -11.97
N SER B 20 47.43 -16.06 16.17
CA SER B 20 45.95 -16.00 16.07
C SER B 20 45.29 -17.04 16.98
N ARG B 21 44.02 -16.80 17.31
CA ARG B 21 43.25 -17.65 18.22
C ARG B 21 41.77 -17.58 17.85
N GLN B 22 41.03 -18.66 18.06
CA GLN B 22 39.66 -18.73 17.60
C GLN B 22 38.75 -17.78 18.36
N ARG B 23 38.06 -16.92 17.60
CA ARG B 23 37.10 -15.97 18.16
C ARG B 23 35.81 -16.71 18.50
N GLY B 24 35.22 -16.38 19.65
CA GLY B 24 33.99 -17.01 20.11
C GLY B 24 32.75 -16.62 19.33
N GLN B 25 31.60 -17.15 19.77
CA GLN B 25 30.34 -17.03 19.04
C GLN B 25 29.43 -15.94 19.59
N ILE B 26 28.64 -15.36 18.69
CA ILE B 26 27.49 -14.55 19.10
C ILE B 26 26.26 -15.40 18.80
N THR B 27 25.41 -15.61 19.80
CA THR B 27 24.29 -16.53 19.62
C THR B 27 22.95 -15.87 19.94
N ALA B 28 21.90 -16.53 19.49
CA ALA B 28 20.54 -16.08 19.74
C ALA B 28 19.63 -17.29 19.70
N GLY B 29 18.93 -17.54 20.79
CA GLY B 29 17.95 -18.61 20.86
C GLY B 29 18.54 -19.97 20.54
N GLY B 30 19.79 -20.16 20.94
CA GLY B 30 20.53 -21.39 20.68
C GLY B 30 21.04 -21.52 19.26
N GLN B 31 21.09 -20.40 18.54
CA GLN B 31 21.54 -20.39 17.15
C GLN B 31 22.70 -19.41 16.97
N LEU B 32 23.55 -19.68 15.98
CA LEU B 32 24.74 -18.88 15.71
C LEU B 32 24.42 -17.68 14.82
N LEU B 33 24.84 -16.51 15.29
CA LEU B 33 24.72 -15.26 14.54
C LEU B 33 26.06 -14.93 13.92
N ALA B 34 27.13 -15.26 14.63
CA ALA B 34 28.50 -15.04 14.18
C ALA B 34 29.39 -16.10 14.80
N TYR B 35 30.30 -16.65 14.02
CA TYR B 35 31.23 -17.68 14.51
C TYR B 35 32.47 -17.68 13.61
N SER B 36 33.59 -18.17 14.12
CA SER B 36 34.81 -18.20 13.31
C SER B 36 35.12 -19.62 12.89
N VAL B 37 35.47 -19.80 11.62
CA VAL B 37 35.86 -21.11 11.10
C VAL B 37 37.38 -21.13 10.96
N ALA B 38 38.02 -22.20 11.47
CA ALA B 38 39.41 -22.47 11.17
C ALA B 38 39.55 -22.82 9.70
N THR B 39 40.37 -22.04 8.97
CA THR B 39 40.60 -22.23 7.53
C THR B 39 42.09 -22.41 7.23
N ASP B 40 42.42 -22.47 5.94
CA ASP B 40 43.81 -22.54 5.51
C ASP B 40 44.39 -21.16 5.22
N GLY B 41 43.67 -20.11 5.61
CA GLY B 41 44.18 -18.75 5.38
C GLY B 41 45.48 -18.47 6.13
N ARG B 42 46.28 -17.56 5.57
CA ARG B 42 47.40 -16.94 6.27
C ARG B 42 46.94 -16.51 7.66
N PHE B 43 45.83 -15.76 7.69
CA PHE B 43 45.07 -15.57 8.91
C PHE B 43 44.08 -16.73 9.00
N ARG B 44 44.25 -17.57 10.01
CA ARG B 44 43.56 -18.87 10.07
C ARG B 44 42.05 -18.79 10.18
N PHE B 45 41.53 -17.80 10.90
CA PHE B 45 40.12 -17.81 11.23
C PHE B 45 39.29 -16.87 10.38
N LEU B 46 38.29 -17.44 9.71
CA LEU B 46 37.35 -16.66 8.92
C LEU B 46 36.04 -16.50 9.66
N ARG B 47 35.66 -15.25 9.88
CA ARG B 47 34.42 -14.87 10.54
C ARG B 47 33.27 -15.06 9.59
N VAL B 48 32.24 -15.80 10.02
CA VAL B 48 31.09 -16.14 9.17
C VAL B 48 29.80 -15.66 9.84
N TYR B 49 28.95 -14.99 9.04
CA TYR B 49 27.64 -14.57 9.47
C TYR B 49 26.61 -15.31 8.61
N PRO B 50 25.98 -16.37 9.18
CA PRO B 50 25.10 -17.25 8.40
C PRO B 50 23.72 -16.66 8.03
N ASN B 51 23.27 -15.59 8.70
CA ASN B 51 22.04 -14.89 8.28
C ASN B 51 22.33 -13.39 8.31
N PRO B 52 23.16 -12.93 7.36
CA PRO B 52 23.92 -11.71 7.61
C PRO B 52 23.13 -10.39 7.72
N GLU B 53 22.22 -10.12 6.79
CA GLU B 53 21.50 -8.84 6.75
C GLU B 53 20.54 -8.76 7.93
N VAL B 54 19.86 -9.88 8.21
CA VAL B 54 18.88 -9.96 9.28
C VAL B 54 19.51 -9.52 10.60
N TYR B 55 20.68 -10.08 10.91
CA TYR B 55 21.32 -9.84 12.20
C TYR B 55 22.38 -8.76 12.24
N ALA B 56 22.68 -8.11 11.12
CA ALA B 56 23.73 -7.10 11.10
C ALA B 56 23.63 -6.02 12.19
N PRO B 57 22.41 -5.52 12.49
CA PRO B 57 22.26 -4.52 13.56
C PRO B 57 22.71 -5.03 14.95
N VAL B 58 22.71 -6.35 15.12
CA VAL B 58 23.10 -7.02 16.36
C VAL B 58 24.60 -7.39 16.31
N THR B 59 25.00 -8.14 15.29
CA THR B 59 26.38 -8.64 15.23
C THR B 59 27.39 -7.56 14.90
N GLY B 60 27.02 -6.69 13.97
CA GLY B 60 27.95 -5.79 13.32
C GLY B 60 28.90 -6.64 12.49
N PHE B 61 30.06 -6.08 12.21
CA PHE B 61 31.10 -6.83 11.50
C PHE B 61 32.41 -6.85 12.29
N TYR B 62 33.26 -7.82 11.96
CA TYR B 62 34.61 -7.90 12.50
C TYR B 62 35.53 -8.05 11.30
N SER B 63 36.39 -7.06 11.09
CA SER B 63 37.22 -6.97 9.89
C SER B 63 38.70 -6.95 10.24
N LEU B 64 39.52 -7.55 9.37
CA LEU B 64 40.95 -7.40 9.47
C LEU B 64 41.33 -5.93 9.32
N ARG B 65 40.74 -5.27 8.33
CA ARG B 65 41.25 -3.97 7.94
C ARG B 65 40.37 -2.79 8.31
N TYR B 66 39.10 -3.04 8.60
CA TYR B 66 38.14 -1.97 8.86
C TYR B 66 37.56 -1.97 10.27
N SER B 67 38.26 -2.62 11.20
CA SER B 67 37.85 -2.66 12.60
C SER B 67 36.56 -3.46 12.78
N SER B 68 35.71 -3.01 13.70
CA SER B 68 34.56 -3.81 14.13
C SER B 68 33.43 -2.86 14.53
N THR B 69 32.20 -3.39 14.56
CA THR B 69 31.05 -2.58 14.97
C THR B 69 30.10 -3.42 15.82
N ALA B 70 29.08 -2.76 16.38
CA ALA B 70 28.00 -3.42 17.13
C ALA B 70 28.55 -4.41 18.19
N LEU B 71 28.00 -5.61 18.31
CA LEU B 71 28.46 -6.55 19.36
C LEU B 71 29.86 -7.10 19.14
N GLU B 72 30.25 -7.29 17.87
CA GLU B 72 31.66 -7.65 17.58
C GLU B 72 32.62 -6.66 18.27
N ARG B 73 32.22 -5.39 18.32
CA ARG B 73 33.06 -4.37 18.92
C ARG B 73 32.88 -4.28 20.44
N ALA B 74 31.62 -4.20 20.87
CA ALA B 74 31.30 -4.06 22.29
C ALA B 74 31.78 -5.27 23.10
N GLU B 75 31.67 -6.46 22.54
CA GLU B 75 32.06 -7.67 23.28
C GLU B 75 33.38 -8.27 22.80
N ASP B 76 34.18 -7.44 22.14
CA ASP B 76 35.49 -7.85 21.62
C ASP B 76 36.39 -8.55 22.67
N PRO B 77 36.56 -7.96 23.87
CA PRO B 77 37.38 -8.66 24.87
C PRO B 77 36.93 -10.11 25.07
N ILE B 78 35.63 -10.32 25.26
CA ILE B 78 35.09 -11.66 25.51
C ILE B 78 35.28 -12.58 24.31
N LEU B 79 34.97 -12.05 23.12
CA LEU B 79 34.98 -12.85 21.90
C LEU B 79 36.40 -13.23 21.48
N ASN B 80 37.34 -12.29 21.54
CA ASN B 80 38.69 -12.64 21.15
C ASN B 80 39.55 -13.21 22.28
N GLY B 81 38.90 -13.50 23.41
CA GLY B 81 39.53 -14.25 24.50
C GLY B 81 40.40 -13.46 25.46
N SER B 82 40.51 -12.15 25.24
CA SER B 82 41.40 -11.30 26.02
C SER B 82 40.81 -10.79 27.33
N ASP B 83 39.48 -10.83 27.46
CA ASP B 83 38.80 -10.40 28.70
C ASP B 83 39.42 -11.09 29.92
N ARG B 84 39.72 -10.32 30.96
CA ARG B 84 40.44 -10.87 32.12
C ARG B 84 39.64 -11.89 32.94
N ARG B 85 38.32 -11.93 32.75
CA ARG B 85 37.50 -12.97 33.36
C ARG B 85 37.75 -14.34 32.72
N LEU B 86 38.39 -14.35 31.55
CA LEU B 86 38.68 -15.58 30.80
C LEU B 86 40.07 -16.16 31.08
N PHE B 87 40.78 -15.59 32.04
CA PHE B 87 42.15 -16.02 32.34
C PHE B 87 42.22 -17.33 33.12
N GLY B 88 41.16 -17.62 33.87
CA GLY B 88 41.02 -18.90 34.58
C GLY B 88 40.86 -20.08 33.63
N ARG B 89 40.16 -19.83 32.52
CA ARG B 89 39.98 -20.83 31.47
C ARG B 89 41.20 -20.92 30.55
N ARG B 90 41.86 -19.79 30.33
CA ARG B 90 43.03 -19.71 29.45
C ARG B 90 44.17 -20.57 29.99
N LEU B 91 44.40 -20.50 31.31
CA LEU B 91 45.44 -21.31 31.96
C LEU B 91 45.13 -22.80 31.92
N ALA B 92 43.89 -23.16 32.26
CA ALA B 92 43.45 -24.54 32.21
C ALA B 92 43.04 -24.94 30.79
N ARG B 98 45.78 -27.83 24.76
CA ARG B 98 44.39 -27.44 24.53
C ARG B 98 44.28 -26.13 23.74
N ASP B 99 43.42 -26.13 22.73
CA ASP B 99 43.29 -25.05 21.76
C ASP B 99 42.50 -23.89 22.36
N PRO B 100 43.13 -22.70 22.48
CA PRO B 100 42.47 -21.51 23.04
C PRO B 100 41.30 -21.04 22.17
N ARG B 101 40.35 -20.36 22.80
CA ARG B 101 39.16 -19.87 22.14
C ARG B 101 38.55 -18.77 22.99
N GLY B 102 37.95 -17.79 22.32
CA GLY B 102 37.19 -16.73 22.99
C GLY B 102 35.89 -17.25 23.58
N GLY B 103 35.28 -16.43 24.44
CA GLY B 103 34.01 -16.78 25.06
C GLY B 103 32.83 -16.54 24.13
N ASN B 104 31.64 -16.89 24.58
CA ASN B 104 30.43 -16.71 23.80
C ASN B 104 29.57 -15.57 24.32
N VAL B 105 28.91 -14.89 23.40
CA VAL B 105 27.97 -13.84 23.73
C VAL B 105 26.59 -14.37 23.41
N ASP B 106 25.80 -14.63 24.45
CA ASP B 106 24.43 -15.08 24.27
C ASP B 106 23.52 -13.86 24.31
N THR B 107 22.95 -13.51 23.17
CA THR B 107 22.10 -12.32 23.09
C THR B 107 20.68 -12.67 23.51
N THR B 108 19.85 -11.64 23.69
CA THR B 108 18.46 -11.78 24.12
C THR B 108 17.51 -11.97 22.94
N ILE B 109 18.03 -11.83 21.73
CA ILE B 109 17.24 -11.89 20.49
C ILE B 109 16.51 -13.22 20.33
N ASN B 110 15.21 -13.15 20.03
CA ASN B 110 14.46 -14.34 19.62
C ASN B 110 14.50 -14.42 18.10
N PRO B 111 15.19 -15.43 17.53
CA PRO B 111 15.33 -15.54 16.08
C PRO B 111 14.01 -15.43 15.30
N ARG B 112 12.95 -16.07 15.80
CA ARG B 112 11.65 -16.06 15.13
C ARG B 112 11.12 -14.63 15.01
N ILE B 113 11.36 -13.84 16.04
CA ILE B 113 10.85 -12.48 16.06
C ILE B 113 11.72 -11.58 15.19
N GLN B 114 13.05 -11.70 15.32
CA GLN B 114 13.95 -10.97 14.43
C GLN B 114 13.58 -11.24 12.98
N GLN B 115 13.38 -12.52 12.66
CA GLN B 115 13.14 -12.93 11.29
C GLN B 115 11.81 -12.38 10.78
N ALA B 116 10.77 -12.41 11.62
CA ALA B 116 9.48 -11.84 11.24
C ALA B 116 9.58 -10.35 10.99
N GLY B 117 10.32 -9.64 11.84
CA GLY B 117 10.48 -8.19 11.67
C GLY B 117 11.17 -7.85 10.37
N TRP B 118 12.24 -8.59 10.05
CA TRP B 118 13.01 -8.39 8.82
C TRP B 118 12.16 -8.67 7.59
N ASP B 119 11.50 -9.84 7.58
CA ASP B 119 10.67 -10.25 6.44
C ASP B 119 9.53 -9.24 6.21
N ALA B 120 8.86 -8.88 7.30
CA ALA B 120 7.78 -7.90 7.24
C ALA B 120 8.29 -6.56 6.70
N MET B 121 9.49 -6.16 7.11
CA MET B 121 10.14 -4.96 6.56
C MET B 121 10.57 -5.11 5.09
N GLN B 122 10.85 -6.34 4.65
CA GLN B 122 11.27 -6.53 3.25
C GLN B 122 10.09 -6.52 2.26
N GLN B 123 8.89 -6.74 2.78
CA GLN B 123 7.71 -6.88 1.93
C GLN B 123 6.63 -5.84 2.25
N GLY B 124 6.78 -5.12 3.37
CA GLY B 124 5.70 -4.30 3.88
C GLY B 124 5.49 -2.94 3.24
N CYS B 125 6.38 -2.58 2.31
CA CYS B 125 6.26 -1.31 1.57
C CYS B 125 6.11 -1.57 0.08
N TYR B 126 5.26 -2.54 -0.25
CA TYR B 126 5.12 -3.06 -1.62
C TYR B 126 6.52 -3.47 -2.11
N GLY B 127 7.25 -4.13 -1.23
CA GLY B 127 8.68 -4.29 -1.39
C GLY B 127 9.33 -3.80 -0.11
N PRO B 128 10.67 -3.67 -0.09
CA PRO B 128 11.43 -3.28 1.09
C PRO B 128 11.15 -1.88 1.65
N CYS B 129 11.05 -1.82 2.98
CA CYS B 129 10.90 -0.59 3.71
C CYS B 129 12.25 -0.14 4.22
N LYS B 130 12.41 1.19 4.35
CA LYS B 130 13.49 1.78 5.12
C LYS B 130 12.96 2.10 6.52
N GLY B 131 13.73 1.74 7.55
CA GLY B 131 13.31 2.05 8.91
C GLY B 131 13.80 1.02 9.91
N ALA B 132 12.98 0.75 10.92
CA ALA B 132 13.42 -0.08 12.05
C ALA B 132 12.26 -0.79 12.70
N VAL B 133 12.55 -1.96 13.25
CA VAL B 133 11.62 -2.67 14.11
C VAL B 133 12.33 -3.07 15.40
N VAL B 134 11.72 -2.75 16.54
CA VAL B 134 12.21 -3.16 17.85
C VAL B 134 11.12 -3.91 18.58
N ALA B 135 11.49 -5.06 19.14
CA ALA B 135 10.63 -5.80 20.04
C ALA B 135 11.29 -5.93 21.42
N LEU B 136 10.51 -5.69 22.47
CA LEU B 136 11.00 -5.73 23.86
C LEU B 136 10.14 -6.67 24.68
N GLU B 137 10.74 -7.32 25.69
CA GLU B 137 9.97 -8.04 26.70
C GLU B 137 9.76 -7.09 27.88
N PRO B 138 8.51 -6.62 28.08
CA PRO B 138 8.20 -5.56 29.05
C PRO B 138 8.57 -5.85 30.50
N SER B 139 8.43 -7.11 30.93
CA SER B 139 8.71 -7.49 32.32
C SER B 139 10.20 -7.59 32.65
N THR B 140 11.03 -7.76 31.62
CA THR B 140 12.47 -7.97 31.82
C THR B 140 13.33 -6.86 31.23
N GLY B 141 12.93 -6.32 30.09
CA GLY B 141 13.75 -5.36 29.34
C GLY B 141 14.57 -6.02 28.23
N LYS B 142 14.41 -7.33 28.08
CA LYS B 142 15.09 -8.06 27.02
C LYS B 142 14.78 -7.45 25.67
N ILE B 143 15.80 -7.30 24.83
CA ILE B 143 15.60 -6.89 23.45
C ILE B 143 15.43 -8.15 22.58
N LEU B 144 14.19 -8.36 22.13
CA LEU B 144 13.79 -9.61 21.47
C LEU B 144 14.03 -9.50 19.97
N ALA B 145 14.03 -8.27 19.46
CA ALA B 145 14.33 -8.00 18.06
C ALA B 145 14.85 -6.57 17.91
N LEU B 146 15.82 -6.42 17.02
CA LEU B 146 16.46 -5.14 16.75
C LEU B 146 16.74 -5.20 15.26
N VAL B 147 15.78 -4.69 14.50
CA VAL B 147 15.83 -4.79 13.06
C VAL B 147 15.98 -3.41 12.48
N SER B 148 16.86 -3.30 11.48
CA SER B 148 17.06 -2.09 10.70
C SER B 148 17.12 -2.50 9.23
N SER B 149 16.63 -1.59 8.38
CA SER B 149 16.46 -1.84 6.94
C SER B 149 16.66 -0.51 6.20
N PRO B 150 17.43 -0.53 5.09
CA PRO B 150 18.14 -1.68 4.53
C PRO B 150 19.30 -2.07 5.44
N SER B 151 19.84 -3.26 5.24
CA SER B 151 20.96 -3.74 6.02
C SER B 151 22.04 -4.14 5.03
N TYR B 152 23.01 -4.93 5.47
CA TYR B 152 24.18 -5.24 4.69
C TYR B 152 24.72 -6.57 5.15
N ASP B 153 25.73 -7.06 4.43
CA ASP B 153 26.27 -8.39 4.66
C ASP B 153 27.66 -8.28 5.32
N PRO B 154 27.74 -8.50 6.65
CA PRO B 154 29.03 -8.43 7.35
C PRO B 154 30.09 -9.42 6.84
N ASN B 155 29.69 -10.46 6.13
CA ASN B 155 30.65 -11.37 5.48
C ASN B 155 31.57 -10.66 4.48
N LEU B 156 31.08 -9.60 3.87
CA LEU B 156 31.87 -8.82 2.92
C LEU B 156 33.06 -8.17 3.61
N LEU B 157 32.84 -7.69 4.83
CA LEU B 157 33.89 -7.00 5.57
C LEU B 157 34.79 -7.99 6.33
N ALA B 158 34.30 -9.21 6.50
CA ALA B 158 35.06 -10.31 7.10
C ALA B 158 35.96 -11.02 6.07
N SER B 159 35.76 -10.71 4.78
CA SER B 159 36.56 -11.30 3.74
C SER B 159 38.04 -11.10 4.01
N HIS B 160 38.81 -12.14 3.72
CA HIS B 160 40.26 -12.04 3.84
C HIS B 160 40.85 -11.48 2.55
N ASN B 161 39.99 -11.16 1.59
CA ASN B 161 40.41 -10.51 0.36
C ASN B 161 40.27 -8.99 0.57
N PRO B 162 41.41 -8.27 0.56
CA PRO B 162 41.40 -6.83 0.78
C PRO B 162 40.55 -6.05 -0.23
N GLU B 163 40.51 -6.50 -1.48
CA GLU B 163 39.70 -5.83 -2.52
C GLU B 163 38.19 -5.99 -2.31
N VAL B 164 37.77 -7.15 -1.80
CA VAL B 164 36.38 -7.39 -1.44
C VAL B 164 35.99 -6.43 -0.31
N GLN B 165 36.80 -6.39 0.74
CA GLN B 165 36.55 -5.50 1.88
C GLN B 165 36.45 -4.06 1.45
N ALA B 166 37.41 -3.61 0.62
CA ALA B 166 37.50 -2.22 0.20
C ALA B 166 36.34 -1.83 -0.68
N GLN B 167 35.95 -2.72 -1.59
CA GLN B 167 34.83 -2.47 -2.48
C GLN B 167 33.50 -2.38 -1.70
N ALA B 168 33.31 -3.26 -0.72
CA ALA B 168 32.12 -3.19 0.14
C ALA B 168 32.14 -1.95 1.00
N TRP B 169 33.32 -1.58 1.49
CA TRP B 169 33.49 -0.36 2.30
C TRP B 169 33.04 0.86 1.51
N GLN B 170 33.52 0.96 0.28
CA GLN B 170 33.16 2.05 -0.63
C GLN B 170 31.67 2.04 -0.96
N ARG B 171 31.14 0.90 -1.38
CA ARG B 171 29.71 0.77 -1.73
C ARG B 171 28.82 1.14 -0.55
N LEU B 172 29.12 0.58 0.61
CA LEU B 172 28.30 0.84 1.79
C LEU B 172 28.39 2.31 2.20
N GLY B 173 29.58 2.89 2.07
CA GLY B 173 29.79 4.31 2.41
C GLY B 173 29.16 5.28 1.42
N ASP B 174 29.17 4.92 0.14
CA ASP B 174 28.60 5.75 -0.93
C ASP B 174 27.07 5.64 -1.01
N ASN B 175 26.51 4.59 -0.38
CA ASN B 175 25.09 4.30 -0.41
C ASN B 175 24.26 5.32 0.39
N PRO B 176 23.41 6.11 -0.32
CA PRO B 176 22.65 7.21 0.28
C PRO B 176 21.62 6.73 1.31
N ALA B 177 21.22 5.47 1.23
CA ALA B 177 20.33 4.87 2.23
C ALA B 177 21.06 4.45 3.54
N SER B 178 22.38 4.64 3.59
CA SER B 178 23.26 4.18 4.71
C SER B 178 22.83 2.90 5.42
N PRO B 179 22.99 1.75 4.73
CA PRO B 179 22.64 0.46 5.33
C PRO B 179 23.47 0.13 6.58
N LEU B 180 24.62 0.77 6.74
CA LEU B 180 25.43 0.59 7.95
C LEU B 180 24.77 1.17 9.20
N THR B 181 23.90 2.15 9.04
CA THR B 181 23.28 2.82 10.20
C THR B 181 22.30 1.86 10.86
N ASN B 182 22.44 1.66 12.17
CA ASN B 182 21.42 0.92 12.89
C ASN B 182 20.31 1.89 13.27
N ARG B 183 19.26 1.92 12.46
CA ARG B 183 18.18 2.90 12.61
C ARG B 183 17.35 2.69 13.86
N ALA B 184 17.45 1.50 14.46
CA ALA B 184 16.66 1.22 15.67
C ALA B 184 17.18 1.97 16.90
N ILE B 185 18.48 2.24 16.92
CA ILE B 185 19.12 2.81 18.11
C ILE B 185 19.98 4.03 17.83
N SER B 186 20.39 4.24 16.58
CA SER B 186 21.35 5.31 16.26
C SER B 186 20.75 6.54 15.55
N GLU B 187 19.48 6.42 15.17
CA GLU B 187 18.78 7.48 14.46
C GLU B 187 17.57 7.92 15.27
N THR B 188 17.34 9.23 15.37
CA THR B 188 16.14 9.72 16.03
C THR B 188 15.19 10.27 14.97
N TYR B 189 13.90 10.14 15.22
CA TYR B 189 12.87 10.61 14.29
C TYR B 189 11.78 11.33 15.07
N PRO B 190 11.10 12.32 14.44
CA PRO B 190 9.91 12.87 15.10
C PRO B 190 8.92 11.73 15.34
N PRO B 191 8.34 11.64 16.55
CA PRO B 191 7.37 10.58 16.86
C PRO B 191 5.95 10.85 16.33
N GLY B 192 5.68 12.11 16.01
CA GLY B 192 4.37 12.53 15.55
C GLY B 192 3.29 12.09 16.49
N SER B 193 2.24 11.50 15.94
CA SER B 193 1.06 11.08 16.70
C SER B 193 1.33 10.13 17.85
N THR B 194 2.37 9.29 17.74
CA THR B 194 2.72 8.38 18.85
C THR B 194 3.03 9.13 20.14
N PHE B 195 3.51 10.38 20.03
CA PHE B 195 3.84 11.19 21.20
C PHE B 195 2.60 11.59 21.98
N LYS B 196 1.43 11.46 21.35
CA LYS B 196 0.18 11.76 22.05
C LYS B 196 0.02 10.88 23.29
N VAL B 197 0.76 9.76 23.32
CA VAL B 197 0.80 8.90 24.49
C VAL B 197 1.40 9.66 25.67
N ILE B 198 2.49 10.39 25.41
CA ILE B 198 3.18 11.16 26.46
C ILE B 198 2.35 12.36 26.94
N THR B 199 1.77 13.10 25.99
CA THR B 199 0.88 14.23 26.30
C THR B 199 -0.32 13.80 27.15
N THR B 200 -0.89 12.66 26.79
CA THR B 200 -1.97 12.05 27.56
C THR B 200 -1.48 11.65 28.95
N ALA B 201 -0.30 11.03 29.03
CA ALA B 201 0.27 10.59 30.29
C ALA B 201 0.52 11.75 31.27
N ALA B 202 0.95 12.88 30.71
CA ALA B 202 1.14 14.12 31.46
C ALA B 202 -0.17 14.62 32.08
N ALA B 203 -1.22 14.68 31.25
CA ALA B 203 -2.53 15.15 31.68
C ALA B 203 -3.16 14.21 32.72
N LEU B 204 -3.18 12.92 32.40
CA LEU B 204 -3.65 11.90 33.33
C LEU B 204 -2.98 11.95 34.71
N ALA B 205 -1.65 12.06 34.71
CA ALA B 205 -0.87 12.14 35.96
C ALA B 205 -1.07 13.46 36.71
N ALA B 206 -1.50 14.49 35.98
CA ALA B 206 -1.82 15.79 36.57
C ALA B 206 -3.25 15.82 37.14
N GLY B 207 -4.06 14.83 36.79
CA GLY B 207 -5.41 14.73 37.33
C GLY B 207 -6.54 14.59 36.32
N ALA B 208 -6.23 14.76 35.03
CA ALA B 208 -7.22 14.62 33.96
C ALA B 208 -7.86 13.23 33.92
N THR B 209 -9.09 13.17 33.41
CA THR B 209 -9.78 11.91 33.16
C THR B 209 -10.13 11.80 31.68
N GLU B 210 -10.50 10.60 31.24
CA GLU B 210 -10.83 10.35 29.82
C GLU B 210 -12.02 11.17 29.32
N THR B 211 -12.82 11.68 30.25
CA THR B 211 -13.99 12.49 29.93
C THR B 211 -13.60 13.94 29.63
N GLU B 212 -12.38 14.33 29.99
CA GLU B 212 -11.99 15.74 29.89
C GLU B 212 -12.23 16.27 28.47
N GLN B 213 -12.80 17.46 28.39
CA GLN B 213 -13.36 17.97 27.14
C GLN B 213 -12.32 18.85 26.44
N LEU B 214 -12.12 18.64 25.13
CA LEU B 214 -11.09 19.36 24.37
C LEU B 214 -11.64 19.78 23.00
N THR B 215 -11.04 20.78 22.37
CA THR B 215 -11.54 21.24 21.07
C THR B 215 -11.61 20.14 20.00
N ALA B 216 -12.66 20.20 19.18
CA ALA B 216 -12.86 19.25 18.10
C ALA B 216 -12.65 19.92 16.73
N ALA B 217 -12.31 21.20 16.75
CA ALA B 217 -12.08 21.96 15.51
C ALA B 217 -11.02 21.31 14.62
N PRO B 218 -11.21 21.37 13.28
CA PRO B 218 -10.21 20.85 12.33
C PRO B 218 -8.89 21.63 12.29
N THR B 219 -8.93 22.92 12.60
CA THR B 219 -7.71 23.72 12.75
C THR B 219 -7.70 24.47 14.07
N ILE B 220 -6.50 24.78 14.55
CA ILE B 220 -6.30 25.52 15.78
C ILE B 220 -5.20 26.58 15.54
N PRO B 221 -5.43 27.84 15.98
CA PRO B 221 -4.35 28.82 15.99
C PRO B 221 -3.40 28.50 17.14
N LEU B 222 -2.10 28.74 16.92
CA LEU B 222 -1.09 28.60 17.98
C LEU B 222 -0.87 29.94 18.69
N PRO B 223 -0.85 29.94 20.03
CA PRO B 223 -0.69 31.17 20.82
C PRO B 223 0.65 31.85 20.55
N GLY B 224 0.64 33.17 20.47
CA GLY B 224 1.86 33.94 20.18
C GLY B 224 2.50 33.57 18.86
N SER B 225 1.65 33.35 17.86
CA SER B 225 2.08 32.87 16.55
C SER B 225 0.94 33.06 15.53
N THR B 226 1.30 33.10 14.25
CA THR B 226 0.31 33.14 13.17
C THR B 226 0.18 31.76 12.53
N ALA B 227 0.93 30.82 13.07
CA ALA B 227 0.93 29.43 12.63
C ALA B 227 -0.34 28.72 13.06
N GLN B 228 -0.72 27.75 12.24
CA GLN B 228 -1.96 27.03 12.39
C GLN B 228 -1.64 25.54 12.31
N LEU B 229 -2.34 24.74 13.11
CA LEU B 229 -2.18 23.30 13.08
C LEU B 229 -3.53 22.65 12.81
N GLU B 230 -3.52 21.60 12.01
CA GLU B 230 -4.79 20.96 11.63
C GLU B 230 -4.83 19.46 11.85
N ASN B 231 -6.06 18.94 11.95
CA ASN B 231 -6.28 17.51 12.03
C ASN B 231 -5.92 16.80 10.73
N TYR B 232 -5.43 15.57 10.85
CA TYR B 232 -5.18 14.68 9.71
C TYR B 232 -6.46 14.63 8.89
N GLY B 233 -6.35 14.94 7.60
CA GLY B 233 -7.49 14.91 6.68
C GLY B 233 -8.27 16.21 6.63
N GLY B 234 -7.90 17.17 7.47
CA GLY B 234 -8.57 18.47 7.55
C GLY B 234 -9.97 18.41 8.14
N ALA B 235 -10.25 17.34 8.87
CA ALA B 235 -11.60 17.02 9.35
C ALA B 235 -11.74 17.20 10.86
N PRO B 236 -12.94 17.62 11.31
CA PRO B 236 -13.17 17.81 12.76
C PRO B 236 -13.12 16.51 13.58
N CYS B 237 -12.97 16.65 14.89
CA CYS B 237 -12.90 15.49 15.78
C CYS B 237 -14.28 15.15 16.35
N GLY B 238 -15.00 14.30 15.64
CA GLY B 238 -16.42 14.11 15.92
C GLY B 238 -17.17 15.38 15.54
N ASP B 239 -18.44 15.44 15.93
CA ASP B 239 -19.37 16.44 15.41
C ASP B 239 -19.85 17.46 16.46
N GLU B 240 -19.33 17.37 17.68
CA GLU B 240 -19.68 18.29 18.76
C GLU B 240 -18.68 19.44 18.80
N PRO B 241 -19.02 20.54 19.51
CA PRO B 241 -18.04 21.63 19.73
C PRO B 241 -16.74 21.09 20.34
N THR B 242 -16.88 20.11 21.23
CA THR B 242 -15.74 19.54 21.91
C THR B 242 -15.72 18.02 21.75
N VAL B 243 -14.61 17.42 22.17
CA VAL B 243 -14.45 15.99 22.12
C VAL B 243 -13.80 15.59 23.44
N SER B 244 -14.12 14.41 23.94
CA SER B 244 -13.48 13.89 25.15
C SER B 244 -12.03 13.48 24.85
N LEU B 245 -11.19 13.49 25.88
CA LEU B 245 -9.82 12.99 25.76
C LEU B 245 -9.86 11.57 25.17
N ARG B 246 -10.82 10.76 25.62
CA ARG B 246 -10.96 9.38 25.14
C ARG B 246 -11.09 9.34 23.63
N GLU B 247 -12.01 10.15 23.10
CA GLU B 247 -12.30 10.14 21.66
C GLU B 247 -11.16 10.76 20.88
N ALA B 248 -10.59 11.81 21.45
CA ALA B 248 -9.45 12.49 20.84
C ALA B 248 -8.29 11.51 20.68
N PHE B 249 -8.01 10.72 21.72
CA PHE B 249 -6.95 9.71 21.69
C PHE B 249 -7.22 8.60 20.68
N VAL B 250 -8.41 7.99 20.75
CA VAL B 250 -8.73 6.86 19.86
C VAL B 250 -8.77 7.27 18.39
N LYS B 251 -9.25 8.50 18.13
CA LYS B 251 -9.28 9.05 16.76
C LYS B 251 -7.97 9.76 16.36
N SER B 252 -7.12 10.04 17.37
CA SER B 252 -5.82 10.67 17.19
C SER B 252 -5.94 12.12 16.67
N CYS B 253 -6.78 12.92 17.33
CA CYS B 253 -7.07 14.27 16.84
C CYS B 253 -6.06 15.33 17.26
N ASN B 254 -5.38 15.91 16.26
CA ASN B 254 -4.28 16.85 16.50
C ASN B 254 -4.63 18.06 17.37
N THR B 255 -5.69 18.79 17.02
CA THR B 255 -6.02 20.05 17.68
C THR B 255 -6.38 19.88 19.17
N ALA B 256 -7.06 18.79 19.47
CA ALA B 256 -7.37 18.42 20.86
C ALA B 256 -6.11 18.24 21.70
N PHE B 257 -5.08 17.60 21.13
CA PHE B 257 -3.83 17.38 21.84
C PHE B 257 -2.93 18.61 21.90
N VAL B 258 -2.95 19.42 20.86
CA VAL B 258 -2.32 20.75 20.89
C VAL B 258 -2.87 21.53 22.09
N GLN B 259 -4.19 21.55 22.21
CA GLN B 259 -4.86 22.23 23.33
C GLN B 259 -4.48 21.60 24.67
N LEU B 260 -4.58 20.27 24.76
CA LEU B 260 -4.28 19.55 25.99
C LEU B 260 -2.86 19.79 26.45
N GLY B 261 -1.92 19.73 25.52
CA GLY B 261 -0.51 19.96 25.85
C GLY B 261 -0.24 21.35 26.37
N ILE B 262 -0.82 22.36 25.72
CA ILE B 262 -0.70 23.75 26.19
C ILE B 262 -1.40 23.95 27.53
N ARG B 263 -2.58 23.33 27.67
CA ARG B 263 -3.37 23.34 28.90
C ARG B 263 -2.54 22.87 30.08
N THR B 264 -2.01 21.64 29.97
CA THR B 264 -1.21 20.99 31.01
C THR B 264 0.12 21.71 31.26
N GLY B 265 0.72 22.25 30.20
CA GLY B 265 1.90 23.07 30.34
C GLY B 265 3.20 22.35 30.06
N ALA B 266 4.24 23.15 29.85
CA ALA B 266 5.54 22.65 29.44
C ALA B 266 6.26 21.84 30.51
N ASP B 267 6.24 22.30 31.77
CA ASP B 267 6.94 21.60 32.85
C ASP B 267 6.42 20.18 32.99
N ALA B 268 5.10 20.04 32.96
CA ALA B 268 4.44 18.74 33.07
C ALA B 268 4.81 17.85 31.89
N LEU B 269 4.88 18.44 30.69
CA LEU B 269 5.22 17.65 29.51
C LEU B 269 6.69 17.25 29.54
N ARG B 270 7.56 18.20 29.88
CA ARG B 270 8.98 17.91 30.03
C ARG B 270 9.19 16.79 31.05
N SER B 271 8.56 16.92 32.21
CA SER B 271 8.72 15.96 33.30
C SER B 271 8.25 14.56 32.91
N MET B 272 7.11 14.47 32.23
CA MET B 272 6.58 13.17 31.82
C MET B 272 7.44 12.52 30.71
N ALA B 273 7.96 13.35 29.80
CA ALA B 273 8.91 12.88 28.79
C ALA B 273 10.13 12.27 29.46
N ARG B 274 10.67 12.95 30.47
CA ARG B 274 11.81 12.45 31.24
C ARG B 274 11.49 11.15 31.96
N ALA B 275 10.30 11.08 32.55
CA ALA B 275 9.84 9.86 33.22
C ALA B 275 9.87 8.69 32.25
N PHE B 276 9.64 8.96 30.97
CA PHE B 276 9.62 7.93 29.92
C PHE B 276 10.97 7.74 29.21
N GLY B 277 12.00 8.39 29.75
CA GLY B 277 13.37 8.18 29.26
C GLY B 277 13.88 9.17 28.24
N LEU B 278 13.10 10.22 27.95
CA LEU B 278 13.57 11.25 27.02
C LEU B 278 14.44 12.24 27.79
N ASP B 279 15.38 12.86 27.09
CA ASP B 279 16.30 13.82 27.69
C ASP B 279 17.05 13.25 28.89
N SER B 280 17.30 11.96 28.84
CA SER B 280 18.13 11.28 29.82
C SER B 280 19.10 10.44 28.98
N PRO B 281 20.40 10.45 29.35
CA PRO B 281 21.33 9.66 28.54
C PRO B 281 21.04 8.18 28.68
N PRO B 282 20.79 7.47 27.57
CA PRO B 282 20.50 6.05 27.66
C PRO B 282 21.68 5.26 28.18
N ARG B 283 21.38 4.25 28.98
CA ARG B 283 22.39 3.25 29.38
C ARG B 283 22.72 2.43 28.15
N PRO B 284 23.97 1.92 28.06
CA PRO B 284 24.27 1.07 26.93
C PRO B 284 23.63 -0.32 27.06
N THR B 285 23.45 -1.00 25.93
CA THR B 285 22.63 -2.22 25.85
C THR B 285 23.33 -3.58 25.71
N PRO B 286 24.66 -3.63 25.47
CA PRO B 286 25.77 -2.67 25.57
C PRO B 286 25.98 -1.77 24.34
N LEU B 287 25.08 -1.84 23.37
CA LEU B 287 25.19 -0.97 22.19
C LEU B 287 24.75 0.41 22.60
N GLN B 288 25.45 1.42 22.09
CA GLN B 288 25.07 2.79 22.37
C GLN B 288 23.77 3.16 21.68
N VAL B 289 22.93 3.89 22.42
CA VAL B 289 21.64 4.35 21.92
C VAL B 289 21.63 5.88 21.88
N ALA B 290 21.23 6.45 20.75
CA ALA B 290 21.09 7.91 20.65
C ALA B 290 20.07 8.41 21.67
N GLU B 291 20.38 9.52 22.33
CA GLU B 291 19.43 10.13 23.28
C GLU B 291 18.23 10.68 22.53
N SER B 292 17.04 10.44 23.09
CA SER B 292 15.79 11.01 22.58
C SER B 292 15.52 12.30 23.30
N THR B 293 14.77 13.20 22.69
CA THR B 293 14.53 14.49 23.30
C THR B 293 13.14 14.99 23.01
N VAL B 294 12.66 15.86 23.89
CA VAL B 294 11.38 16.51 23.73
C VAL B 294 11.65 17.93 23.14
N GLY B 295 12.91 18.34 23.18
CA GLY B 295 13.34 19.68 22.77
C GLY B 295 13.18 20.72 23.87
N PRO B 296 13.72 21.93 23.67
CA PRO B 296 13.68 23.01 24.67
C PRO B 296 12.29 23.56 25.02
N ILE B 297 11.36 23.57 24.06
CA ILE B 297 10.02 24.16 24.23
C ILE B 297 10.09 25.66 24.64
N PRO B 298 10.61 26.53 23.77
CA PRO B 298 10.79 27.94 24.19
C PRO B 298 9.51 28.70 24.52
N ASP B 299 8.37 28.28 23.96
CA ASP B 299 7.13 29.02 24.14
C ASP B 299 5.89 28.16 23.91
N SER B 300 4.71 28.73 24.16
CA SER B 300 3.46 27.99 24.09
C SER B 300 3.14 27.43 22.69
N ALA B 301 3.58 28.14 21.65
CA ALA B 301 3.43 27.65 20.28
C ALA B 301 4.27 26.40 20.04
N ALA B 302 5.53 26.45 20.49
CA ALA B 302 6.40 25.29 20.46
C ALA B 302 5.82 24.16 21.28
N LEU B 303 5.24 24.51 22.44
CA LEU B 303 4.55 23.54 23.29
C LEU B 303 3.39 22.82 22.58
N GLY B 304 2.59 23.59 21.83
CA GLY B 304 1.53 23.00 21.04
C GLY B 304 2.05 22.03 19.96
N MET B 305 3.10 22.44 19.25
CA MET B 305 3.70 21.56 18.23
C MET B 305 4.29 20.30 18.87
N THR B 306 4.96 20.49 20.01
CA THR B 306 5.57 19.40 20.78
C THR B 306 4.55 18.34 21.24
N SER B 307 3.35 18.80 21.61
CA SER B 307 2.30 17.93 22.16
C SER B 307 1.77 16.90 21.16
N ILE B 308 1.94 17.17 19.88
CA ILE B 308 1.61 16.20 18.83
C ILE B 308 2.85 15.62 18.16
N GLY B 309 3.99 15.67 18.87
CA GLY B 309 5.16 14.94 18.45
C GLY B 309 5.95 15.58 17.31
N GLN B 310 5.82 16.90 17.17
CA GLN B 310 6.58 17.61 16.17
C GLN B 310 7.55 18.60 16.82
N LYS B 311 7.73 19.77 16.23
CA LYS B 311 8.73 20.74 16.68
C LYS B 311 10.10 20.03 16.81
N ASP B 312 10.67 19.98 18.02
CA ASP B 312 12.00 19.39 18.22
C ASP B 312 11.97 18.01 18.89
N VAL B 313 10.79 17.40 19.00
CA VAL B 313 10.71 16.05 19.58
C VAL B 313 11.36 15.08 18.61
N ALA B 314 12.28 14.25 19.12
CA ALA B 314 12.97 13.25 18.31
C ALA B 314 13.26 12.00 19.14
N LEU B 315 12.76 10.83 18.72
CA LEU B 315 12.99 9.58 19.48
C LEU B 315 13.66 8.55 18.61
N THR B 316 14.37 7.61 19.23
CA THR B 316 14.84 6.42 18.54
C THR B 316 13.66 5.44 18.49
N PRO B 317 13.63 4.54 17.50
CA PRO B 317 12.62 3.49 17.58
C PRO B 317 12.66 2.70 18.89
N LEU B 318 13.86 2.42 19.41
CA LEU B 318 13.96 1.77 20.73
C LEU B 318 13.20 2.55 21.82
N ALA B 319 13.39 3.86 21.88
CA ALA B 319 12.73 4.70 22.88
C ALA B 319 11.21 4.60 22.79
N ASN B 320 10.68 4.54 21.57
CA ASN B 320 9.25 4.48 21.38
C ASN B 320 8.73 3.10 21.81
N ALA B 321 9.52 2.05 21.58
CA ALA B 321 9.14 0.70 21.99
C ALA B 321 9.15 0.62 23.51
N GLU B 322 10.11 1.31 24.12
CA GLU B 322 10.27 1.39 25.56
C GLU B 322 9.10 2.13 26.24
N ILE B 323 8.58 3.16 25.59
CA ILE B 323 7.32 3.79 26.02
C ILE B 323 6.20 2.74 26.04
N ALA B 324 6.05 1.99 24.94
CA ALA B 324 5.05 0.93 24.90
C ALA B 324 5.32 -0.14 25.97
N ALA B 325 6.59 -0.49 26.15
CA ALA B 325 6.99 -1.52 27.14
C ALA B 325 6.71 -1.08 28.57
N THR B 326 6.96 0.20 28.86
CA THR B 326 6.71 0.77 30.18
C THR B 326 5.24 0.68 30.61
N ILE B 327 4.35 1.08 29.71
CA ILE B 327 2.91 1.04 29.95
C ILE B 327 2.46 -0.42 30.10
N ALA B 328 3.03 -1.29 29.25
CA ALA B 328 2.78 -2.72 29.27
C ALA B 328 3.18 -3.34 30.60
N ASN B 329 4.21 -2.76 31.22
CA ASN B 329 4.75 -3.28 32.46
C ASN B 329 4.23 -2.56 33.71
N GLY B 330 3.03 -1.99 33.63
CA GLY B 330 2.39 -1.36 34.79
C GLY B 330 2.99 -0.02 35.20
N GLY B 331 3.78 0.58 34.30
CA GLY B 331 4.38 1.89 34.55
C GLY B 331 5.86 1.84 34.89
N ILE B 332 6.39 0.64 35.09
CA ILE B 332 7.79 0.45 35.41
C ILE B 332 8.59 0.17 34.15
N THR B 333 9.62 1.00 33.91
CA THR B 333 10.56 0.83 32.83
C THR B 333 11.68 -0.13 33.24
N MET B 334 11.81 -1.25 32.54
CA MET B 334 12.93 -2.15 32.75
C MET B 334 14.05 -1.68 31.83
N ARG B 335 15.30 -1.70 32.31
CA ARG B 335 16.43 -1.31 31.47
C ARG B 335 16.57 -2.33 30.31
N PRO B 336 16.49 -1.86 29.04
CA PRO B 336 16.65 -2.75 27.88
C PRO B 336 18.07 -3.26 27.78
N TYR B 337 18.20 -4.56 27.50
CA TYR B 337 19.50 -5.16 27.35
C TYR B 337 19.48 -6.18 26.22
N LEU B 338 20.65 -6.38 25.60
CA LEU B 338 20.78 -7.18 24.39
C LEU B 338 21.60 -8.45 24.66
N VAL B 339 22.42 -8.44 25.71
CA VAL B 339 23.21 -9.62 26.08
C VAL B 339 22.62 -10.30 27.30
N GLY B 340 22.18 -11.54 27.11
CA GLY B 340 21.61 -12.33 28.19
C GLY B 340 22.67 -12.88 29.12
N SER B 341 23.76 -13.42 28.53
CA SER B 341 24.86 -13.96 29.31
C SER B 341 26.15 -14.01 28.50
N LEU B 342 27.26 -14.11 29.21
CA LEU B 342 28.57 -14.25 28.61
C LEU B 342 29.11 -15.57 29.12
N LYS B 343 29.61 -16.40 28.21
CA LYS B 343 30.09 -17.73 28.58
C LYS B 343 31.55 -17.94 28.19
N GLY B 344 32.22 -18.83 28.91
CA GLY B 344 33.57 -19.24 28.53
C GLY B 344 33.49 -20.08 27.27
N PRO B 345 34.65 -20.45 26.69
CA PRO B 345 34.74 -21.26 25.48
C PRO B 345 34.16 -22.67 25.64
N ASP B 346 33.96 -23.10 26.88
CA ASP B 346 33.36 -24.41 27.17
C ASP B 346 31.94 -24.26 27.70
N LEU B 347 31.39 -23.06 27.55
CA LEU B 347 30.00 -22.71 27.88
C LEU B 347 29.70 -22.60 29.38
N ALA B 348 30.75 -22.43 30.18
CA ALA B 348 30.61 -22.07 31.59
C ALA B 348 30.22 -20.61 31.69
N ASN B 349 29.33 -20.29 32.63
CA ASN B 349 28.78 -18.94 32.74
C ASN B 349 29.72 -17.97 33.44
N ILE B 350 30.00 -16.86 32.77
CA ILE B 350 30.90 -15.83 33.27
C ILE B 350 30.07 -14.70 33.89
N SER B 351 29.03 -14.28 33.17
CA SER B 351 28.13 -13.25 33.62
C SER B 351 26.72 -13.62 33.18
N THR B 352 25.73 -13.43 34.05
CA THR B 352 24.33 -13.53 33.67
C THR B 352 23.62 -12.22 34.02
N THR B 353 23.05 -11.59 33.00
CA THR B 353 22.43 -10.28 33.16
C THR B 353 21.15 -10.43 33.98
N VAL B 354 21.06 -9.66 35.05
CA VAL B 354 19.83 -9.57 35.80
C VAL B 354 19.06 -8.33 35.34
N ARG B 355 17.74 -8.48 35.25
CA ARG B 355 16.85 -7.42 34.87
C ARG B 355 16.73 -6.45 36.02
N TYR B 356 16.69 -5.15 35.71
CA TYR B 356 16.40 -4.16 36.75
C TYR B 356 15.43 -3.06 36.34
N GLN B 357 14.67 -2.59 37.32
CA GLN B 357 13.66 -1.57 37.12
C GLN B 357 14.35 -0.20 37.18
N GLN B 358 14.35 0.49 36.04
CA GLN B 358 15.08 1.75 35.86
C GLN B 358 14.41 2.92 36.57
N ARG B 359 13.10 3.03 36.34
CA ARG B 359 12.30 4.13 36.84
C ARG B 359 10.84 3.74 36.77
N ARG B 360 10.03 4.35 37.64
CA ARG B 360 8.58 4.33 37.48
C ARG B 360 8.18 5.60 36.74
N ALA B 361 7.63 5.42 35.54
CA ALA B 361 7.23 6.54 34.69
C ALA B 361 5.91 7.12 35.15
N VAL B 362 4.94 6.23 35.38
CA VAL B 362 3.57 6.58 35.76
C VAL B 362 3.06 5.55 36.77
N SER B 363 1.99 5.89 37.50
CA SER B 363 1.36 4.95 38.42
C SER B 363 0.71 3.77 37.68
N PRO B 364 0.48 2.63 38.37
CA PRO B 364 -0.18 1.52 37.68
C PRO B 364 -1.54 1.93 37.12
N GLN B 365 -2.25 2.78 37.87
CA GLN B 365 -3.53 3.35 37.45
C GLN B 365 -3.46 4.06 36.10
N VAL B 366 -2.55 5.04 35.98
CA VAL B 366 -2.33 5.75 34.71
C VAL B 366 -1.99 4.77 33.57
N ALA B 367 -1.10 3.82 33.85
CA ALA B 367 -0.69 2.85 32.84
C ALA B 367 -1.86 1.98 32.39
N ALA B 368 -2.75 1.64 33.32
CA ALA B 368 -3.97 0.88 32.99
C ALA B 368 -4.88 1.70 32.08
N LYS B 369 -5.05 2.98 32.41
CA LYS B 369 -5.83 3.91 31.59
C LYS B 369 -5.23 4.04 30.20
N LEU B 370 -3.91 4.26 30.14
CA LEU B 370 -3.20 4.35 28.85
C LEU B 370 -3.44 3.08 28.05
N THR B 371 -3.32 1.93 28.72
CA THR B 371 -3.62 0.64 28.12
C THR B 371 -5.05 0.60 27.57
N GLU B 372 -6.01 1.05 28.37
CA GLU B 372 -7.41 1.18 27.93
C GLU B 372 -7.55 1.97 26.63
N LEU B 373 -7.01 3.19 26.62
CA LEU B 373 -7.06 4.10 25.48
C LEU B 373 -6.39 3.54 24.23
N MET B 374 -5.26 2.86 24.44
CA MET B 374 -4.50 2.26 23.34
C MET B 374 -5.20 1.04 22.74
N VAL B 375 -5.94 0.31 23.56
CA VAL B 375 -6.76 -0.80 23.04
C VAL B 375 -7.87 -0.23 22.15
N GLY B 376 -8.48 0.87 22.62
CA GLY B 376 -9.49 1.60 21.83
C GLY B 376 -8.93 2.09 20.50
N ALA B 377 -7.73 2.67 20.54
CA ALA B 377 -7.03 3.14 19.34
C ALA B 377 -6.75 2.02 18.32
N GLU B 378 -6.22 0.89 18.82
CA GLU B 378 -6.03 -0.29 17.97
C GLU B 378 -7.32 -0.69 17.26
N LYS B 379 -8.43 -0.71 18.00
CA LYS B 379 -9.74 -1.06 17.44
C LYS B 379 -10.25 -0.04 16.41
N VAL B 380 -10.23 1.23 16.79
CA VAL B 380 -10.63 2.32 15.89
C VAL B 380 -9.88 2.27 14.55
N ALA B 381 -8.64 1.76 14.59
CA ALA B 381 -7.84 1.56 13.39
C ALA B 381 -8.14 0.24 12.68
N GLN B 382 -9.42 -0.01 12.43
CA GLN B 382 -9.86 -1.19 11.68
C GLN B 382 -11.03 -0.85 10.75
N PRO B 388 -8.59 -9.14 14.83
CA PRO B 388 -9.67 -10.01 15.29
C PRO B 388 -9.12 -11.19 16.12
N GLY B 389 -7.97 -10.98 16.76
CA GLY B 389 -7.28 -12.03 17.51
C GLY B 389 -6.79 -11.55 18.86
N VAL B 390 -5.46 -11.58 19.07
CA VAL B 390 -4.90 -11.11 20.34
C VAL B 390 -5.35 -9.67 20.59
N GLN B 391 -5.57 -9.31 21.85
CA GLN B 391 -5.93 -7.95 22.17
C GLN B 391 -4.65 -7.18 22.20
N ILE B 392 -4.60 -6.17 21.34
CA ILE B 392 -3.41 -5.35 21.16
C ILE B 392 -3.72 -3.94 21.63
N ALA B 393 -2.81 -3.36 22.41
CA ALA B 393 -2.85 -1.95 22.75
C ALA B 393 -1.82 -1.27 21.88
N SER B 394 -2.26 -0.31 21.07
CA SER B 394 -1.36 0.34 20.12
C SER B 394 -1.60 1.84 19.98
N LYS B 395 -0.67 2.50 19.33
CA LYS B 395 -0.85 3.86 18.86
C LYS B 395 -0.10 4.00 17.57
N THR B 396 -0.82 4.36 16.52
CA THR B 396 -0.15 4.67 15.27
C THR B 396 0.14 6.17 15.21
N GLY B 397 1.03 6.53 14.31
CA GLY B 397 1.33 7.93 14.03
C GLY B 397 1.91 8.12 12.64
N THR B 398 1.76 9.33 12.14
CA THR B 398 2.56 9.81 11.03
C THR B 398 3.39 10.92 11.62
N ALA B 399 4.55 11.18 11.01
CA ALA B 399 5.41 12.24 11.47
C ALA B 399 6.02 12.99 10.30
N GLU B 400 5.71 14.28 10.22
CA GLU B 400 6.34 15.15 9.22
C GLU B 400 7.80 15.33 9.58
N HIS B 401 8.62 15.57 8.57
CA HIS B 401 10.07 15.68 8.74
C HIS B 401 10.68 16.45 7.58
N GLY B 402 11.86 17.01 7.81
CA GLY B 402 12.67 17.58 6.75
C GLY B 402 12.39 19.05 6.53
N THR B 403 13.07 19.61 5.53
CA THR B 403 12.98 21.03 5.20
C THR B 403 11.67 21.40 4.52
N ASP B 404 11.05 20.42 3.87
CA ASP B 404 9.75 20.64 3.23
C ASP B 404 8.71 19.67 3.80
N PRO B 405 8.21 19.95 5.01
CA PRO B 405 7.42 18.98 5.79
C PRO B 405 6.05 18.68 5.19
N ARG B 406 5.41 19.70 4.60
CA ARG B 406 4.05 19.57 4.11
C ARG B 406 3.97 18.90 2.72
N HIS B 407 5.12 18.58 2.16
CA HIS B 407 5.20 17.92 0.85
C HIS B 407 5.95 16.57 0.86
N THR B 408 7.01 16.48 1.68
CA THR B 408 7.74 15.22 1.90
C THR B 408 6.83 14.15 2.51
N PRO B 409 6.88 12.90 1.99
CA PRO B 409 6.07 11.85 2.62
C PRO B 409 6.46 11.65 4.09
N PRO B 410 5.49 11.82 5.01
CA PRO B 410 5.75 11.60 6.43
C PRO B 410 6.12 10.15 6.74
N HIS B 411 6.85 9.98 7.84
CA HIS B 411 7.16 8.66 8.37
C HIS B 411 5.89 8.07 8.93
N ALA B 412 5.82 6.75 9.02
CA ALA B 412 4.71 6.09 9.69
C ALA B 412 5.25 5.29 10.87
N TRP B 413 4.58 5.41 12.01
CA TRP B 413 4.97 4.73 13.23
C TRP B 413 3.85 3.81 13.68
N TYR B 414 4.22 2.70 14.32
CA TYR B 414 3.28 1.87 15.07
C TYR B 414 3.98 1.44 16.35
N ILE B 415 3.41 1.79 17.51
CA ILE B 415 3.92 1.27 18.78
C ILE B 415 2.83 0.46 19.46
N ALA B 416 3.17 -0.71 19.99
CA ALA B 416 2.13 -1.60 20.53
C ALA B 416 2.63 -2.55 21.59
N PHE B 417 1.70 -3.14 22.34
CA PHE B 417 2.02 -4.29 23.17
C PHE B 417 0.83 -5.25 23.20
N ALA B 418 1.12 -6.53 23.47
CA ALA B 418 0.13 -7.60 23.47
C ALA B 418 0.61 -8.76 24.33
N PRO B 419 -0.33 -9.55 24.89
CA PRO B 419 -1.78 -9.30 25.02
C PRO B 419 -1.99 -8.15 25.98
N ALA B 420 -2.90 -7.23 25.65
CA ALA B 420 -2.97 -5.95 26.36
C ALA B 420 -3.17 -6.09 27.88
N GLN B 421 -3.79 -7.18 28.30
CA GLN B 421 -4.09 -7.36 29.72
C GLN B 421 -3.00 -8.10 30.51
N ALA B 422 -2.19 -8.88 29.80
CA ALA B 422 -1.04 -9.57 30.40
C ALA B 422 0.09 -9.65 29.38
N PRO B 423 0.74 -8.50 29.09
CA PRO B 423 1.62 -8.35 27.94
C PRO B 423 2.93 -9.13 28.02
N LYS B 424 3.34 -9.70 26.89
CA LYS B 424 4.58 -10.47 26.80
C LYS B 424 5.55 -9.85 25.79
N VAL B 425 5.05 -8.90 24.99
CA VAL B 425 5.84 -8.23 23.96
C VAL B 425 5.41 -6.76 23.82
N ALA B 426 6.38 -5.88 23.54
CA ALA B 426 6.13 -4.49 23.15
C ALA B 426 6.88 -4.21 21.85
N VAL B 427 6.26 -3.53 20.89
CA VAL B 427 6.94 -3.28 19.62
C VAL B 427 6.90 -1.80 19.20
N ALA B 428 7.91 -1.39 18.46
CA ALA B 428 7.87 -0.15 17.70
C ALA B 428 8.30 -0.43 16.26
N VAL B 429 7.50 0.08 15.33
CA VAL B 429 7.81 0.01 13.92
C VAL B 429 7.90 1.44 13.42
N LEU B 430 9.03 1.75 12.78
CA LEU B 430 9.17 3.01 12.06
C LEU B 430 9.38 2.72 10.58
N VAL B 431 8.50 3.24 9.73
CA VAL B 431 8.66 3.15 8.28
C VAL B 431 8.92 4.56 7.75
N GLU B 432 10.14 4.76 7.25
CA GLU B 432 10.54 6.09 6.75
C GLU B 432 9.77 6.40 5.49
N ASN B 433 9.20 7.60 5.44
CA ASN B 433 8.34 8.03 4.32
C ASN B 433 7.19 7.07 4.06
N GLY B 434 6.80 6.32 5.09
CA GLY B 434 5.83 5.25 4.95
C GLY B 434 4.38 5.63 5.17
N ALA B 435 4.09 6.93 5.29
CA ALA B 435 2.73 7.39 5.56
C ALA B 435 1.78 7.24 4.38
N ASP B 436 0.60 6.70 4.71
CA ASP B 436 -0.61 6.59 3.87
C ASP B 436 -1.29 7.90 3.54
N ARG B 437 -1.98 7.95 2.39
CA ARG B 437 -2.91 9.05 2.12
C ARG B 437 -4.39 8.60 2.13
N LEU B 438 -4.62 7.32 2.42
CA LEU B 438 -5.97 6.73 2.28
C LEU B 438 -6.59 6.25 3.59
N SER B 439 -5.77 5.67 4.47
CA SER B 439 -6.22 5.07 5.73
C SER B 439 -6.62 6.11 6.76
N ALA B 440 -7.31 5.66 7.80
CA ALA B 440 -7.81 6.54 8.85
C ALA B 440 -6.69 7.13 9.70
N THR B 441 -5.58 6.40 9.81
CA THR B 441 -4.46 6.75 10.70
C THR B 441 -3.21 7.22 9.96
N GLY B 442 -3.06 6.79 8.70
CA GLY B 442 -1.86 7.09 7.93
C GLY B 442 -0.74 6.08 8.09
N GLY B 443 -1.01 4.98 8.80
CA GLY B 443 -0.02 3.94 9.03
C GLY B 443 -0.57 2.55 8.74
N ALA B 444 -1.17 2.41 7.57
CA ALA B 444 -1.65 1.12 7.10
C ALA B 444 -0.48 0.21 6.72
N LEU B 445 0.69 0.81 6.57
CA LEU B 445 1.91 0.07 6.26
C LEU B 445 2.60 -0.37 7.53
N ALA B 446 2.74 0.54 8.49
CA ALA B 446 3.46 0.25 9.73
C ALA B 446 2.76 -0.77 10.63
N ALA B 447 1.42 -0.70 10.71
CA ALA B 447 0.64 -1.52 11.63
C ALA B 447 0.71 -3.02 11.34
N PRO B 448 0.48 -3.44 10.08
CA PRO B 448 0.60 -4.88 9.80
C PRO B 448 2.00 -5.41 10.09
N ILE B 449 3.03 -4.60 9.88
CA ILE B 449 4.39 -5.00 10.27
C ILE B 449 4.44 -5.27 11.77
N GLY B 450 3.88 -4.35 12.56
CA GLY B 450 3.85 -4.49 14.02
C GLY B 450 3.08 -5.73 14.45
N ARG B 451 1.94 -5.98 13.79
CA ARG B 451 1.10 -7.14 14.13
C ARG B 451 1.77 -8.49 13.78
N ALA B 452 2.50 -8.53 12.68
CA ALA B 452 3.25 -9.74 12.28
C ALA B 452 4.34 -10.03 13.31
N VAL B 453 4.98 -8.98 13.82
CA VAL B 453 6.01 -9.11 14.86
C VAL B 453 5.43 -9.61 16.19
N ILE B 454 4.33 -9.00 16.63
CA ILE B 454 3.59 -9.48 17.80
C ILE B 454 3.19 -10.96 17.59
N GLU B 455 2.60 -11.27 16.44
CA GLU B 455 2.23 -12.64 16.08
C GLU B 455 3.39 -13.60 16.29
N ALA B 456 4.55 -13.28 15.72
CA ALA B 456 5.71 -14.18 15.80
C ALA B 456 6.14 -14.35 17.25
N ALA B 457 6.04 -13.26 18.02
CA ALA B 457 6.42 -13.26 19.44
C ALA B 457 5.53 -14.18 20.27
N LEU B 458 4.25 -14.21 19.94
CA LEU B 458 3.26 -14.94 20.75
C LEU B 458 2.98 -16.37 20.27
N GLN B 459 3.44 -16.70 19.06
CA GLN B 459 3.18 -18.01 18.44
C GLN B 459 3.83 -19.19 19.17
#